data_5LQJ
#
_entry.id   5LQJ
#
_cell.length_a   170.184
_cell.length_b   170.184
_cell.length_c   68.879
_cell.angle_alpha   90.000
_cell.angle_beta   90.000
_cell.angle_gamma   90.000
#
_symmetry.space_group_name_H-M   'P 4 21 2'
#
loop_
_entity.id
_entity.type
_entity.pdbx_description
1 polymer 'Catechol O-methyltransferase'
2 non-polymer 'SODIUM ION'
3 non-polymer 3-cyclopropyl-5-methyl-4-phenyl-1,2,4-triazole
4 non-polymer 'CHLORIDE ION'
5 non-polymer 'POTASSIUM ION'
6 water water
#
_entity_poly.entity_id   1
_entity_poly.type   'polypeptide(L)'
_entity_poly.pdbx_seq_one_letter_code
;MGDTKEQRILRYVQQNAKPGDPQSVLEAIDTYCTQKEWAMNVGDAKGQIMDAVIREYSPSLVLELGAYCGYSAVRMARLL
QPGARLLTMEINPDCAAITQQMLNFAGLQDKVTILNGASQDLIPQLKKKYDVDTLDMVFLDHWKDRYLPDTLLLEKCGLL
RKGTVLLADNVIVPGTPDFLAYVRGSSSFECTHYSSYLEYMKVVDGLEKAIYQGPSSPDKS
;
_entity_poly.pdbx_strand_id   A,B,C,D
#
loop_
_chem_comp.id
_chem_comp.type
_chem_comp.name
_chem_comp.formula
72N non-polymer 3-cyclopropyl-5-methyl-4-phenyl-1,2,4-triazole 'C12 H13 N3'
CL non-polymer 'CHLORIDE ION' 'Cl -1'
K non-polymer 'POTASSIUM ION' 'K 1'
NA non-polymer 'SODIUM ION' 'Na 1'
#
# COMPACT_ATOMS: atom_id res chain seq x y z
N ASP A 3 -9.24 -7.24 -38.11
CA ASP A 3 -9.88 -6.47 -37.04
C ASP A 3 -11.10 -7.21 -36.45
N THR A 4 -11.22 -7.22 -35.11
CA THR A 4 -12.26 -7.98 -34.44
C THR A 4 -13.17 -7.06 -33.64
N LYS A 5 -14.33 -7.60 -33.26
CA LYS A 5 -15.20 -6.84 -32.39
C LYS A 5 -14.51 -6.53 -31.07
N GLU A 6 -13.79 -7.50 -30.51
CA GLU A 6 -13.16 -7.29 -29.21
C GLU A 6 -12.11 -6.19 -29.28
N GLN A 7 -11.31 -6.18 -30.35
CA GLN A 7 -10.38 -5.08 -30.54
C GLN A 7 -11.10 -3.74 -30.62
N ARG A 8 -12.24 -3.68 -31.31
CA ARG A 8 -12.94 -2.40 -31.42
C ARG A 8 -13.51 -1.97 -30.07
N ILE A 9 -13.89 -2.92 -29.21
CA ILE A 9 -14.32 -2.57 -27.85
C ILE A 9 -13.14 -2.03 -27.06
N LEU A 10 -11.98 -2.66 -27.20
CA LEU A 10 -10.76 -2.13 -26.61
C LEU A 10 -10.48 -0.69 -27.04
N ARG A 11 -10.41 -0.44 -28.35
CA ARG A 11 -10.14 0.90 -28.85
C ARG A 11 -11.15 1.91 -28.32
N TYR A 12 -12.42 1.49 -28.15
CA TYR A 12 -13.44 2.40 -27.64
C TYR A 12 -13.22 2.71 -26.16
N VAL A 13 -12.92 1.70 -25.34
CA VAL A 13 -12.63 1.97 -23.94
C VAL A 13 -11.46 2.94 -23.83
N GLN A 14 -10.43 2.74 -24.65
CA GLN A 14 -9.23 3.55 -24.56
C GLN A 14 -9.50 5.00 -24.88
N GLN A 15 -10.47 5.29 -25.73
CA GLN A 15 -10.78 6.67 -26.07
C GLN A 15 -11.78 7.31 -25.12
N ASN A 16 -12.62 6.51 -24.46
CA ASN A 16 -13.78 7.02 -23.76
C ASN A 16 -13.79 6.73 -22.26
N ALA A 17 -12.92 5.87 -21.79
CA ALA A 17 -12.84 5.61 -20.37
C ALA A 17 -11.58 6.25 -19.82
N LYS A 18 -11.45 6.17 -18.51
CA LYS A 18 -10.37 6.81 -17.83
C LYS A 18 -9.39 5.74 -17.33
N PRO A 19 -8.10 5.91 -17.61
CA PRO A 19 -7.12 4.91 -17.17
C PRO A 19 -7.15 4.71 -15.66
N GLY A 20 -7.10 3.45 -15.24
CA GLY A 20 -7.06 3.11 -13.84
C GLY A 20 -8.40 3.14 -13.13
N ASP A 21 -9.49 3.46 -13.85
CA ASP A 21 -10.83 3.61 -13.27
C ASP A 21 -11.69 2.45 -13.74
N PRO A 22 -11.78 1.35 -12.98
CA PRO A 22 -12.56 0.18 -13.44
C PRO A 22 -14.02 0.49 -13.78
N GLN A 23 -14.68 1.34 -12.99
CA GLN A 23 -16.08 1.66 -13.27
C GLN A 23 -16.25 2.34 -14.63
N SER A 24 -15.38 3.31 -14.95
CA SER A 24 -15.52 3.97 -16.23
C SER A 24 -15.29 2.99 -17.38
N VAL A 25 -14.39 2.01 -17.19
CA VAL A 25 -14.17 0.98 -18.20
C VAL A 25 -15.44 0.16 -18.41
N LEU A 26 -16.05 -0.30 -17.31
CA LEU A 26 -17.30 -1.07 -17.43
C LEU A 26 -18.39 -0.26 -18.11
N GLU A 27 -18.52 1.02 -17.76
CA GLU A 27 -19.56 1.81 -18.41
C GLU A 27 -19.29 1.99 -19.90
N ALA A 28 -18.04 2.28 -20.26
CA ALA A 28 -17.72 2.40 -21.68
C ALA A 28 -18.11 1.13 -22.43
N ILE A 29 -17.80 -0.04 -21.86
CA ILE A 29 -18.16 -1.31 -22.49
C ILE A 29 -19.67 -1.47 -22.59
N ASP A 30 -20.39 -1.19 -21.49
CA ASP A 30 -21.86 -1.23 -21.52
C ASP A 30 -22.43 -0.30 -22.58
N THR A 31 -21.83 0.88 -22.76
CA THR A 31 -22.32 1.81 -23.76
C THR A 31 -22.07 1.25 -25.16
N TYR A 32 -20.86 0.77 -25.41
CA TYR A 32 -20.54 0.26 -26.74
C TYR A 32 -21.39 -0.97 -27.07
N CYS A 33 -21.57 -1.86 -26.10
CA CYS A 33 -22.29 -3.09 -26.34
C CYS A 33 -23.80 -2.95 -26.19
N THR A 34 -24.28 -1.74 -25.95
CA THR A 34 -25.70 -1.44 -25.99
C THR A 34 -26.10 -0.67 -27.23
N GLN A 35 -25.30 0.33 -27.62
CA GLN A 35 -25.66 1.25 -28.68
C GLN A 35 -24.95 0.98 -30.00
N LYS A 36 -23.93 0.12 -30.03
CA LYS A 36 -23.11 0.04 -31.23
C LYS A 36 -22.92 -1.39 -31.72
N GLU A 37 -22.36 -2.29 -30.89
CA GLU A 37 -22.22 -3.70 -31.24
C GLU A 37 -22.53 -4.55 -30.02
N TRP A 38 -23.50 -5.45 -30.14
CA TRP A 38 -23.83 -6.32 -29.01
C TRP A 38 -22.72 -7.33 -28.74
N ALA A 39 -22.58 -7.72 -27.48
CA ALA A 39 -21.69 -8.79 -27.06
C ALA A 39 -22.31 -9.49 -25.86
N MET A 40 -22.23 -10.82 -25.85
CA MET A 40 -23.04 -11.62 -24.94
C MET A 40 -22.66 -11.40 -23.48
N ASN A 41 -21.36 -11.39 -23.19
CA ASN A 41 -20.90 -11.42 -21.80
C ASN A 41 -21.36 -10.20 -21.01
N VAL A 42 -21.64 -9.07 -21.72
CA VAL A 42 -21.90 -7.78 -21.08
C VAL A 42 -23.40 -7.49 -21.05
N GLY A 43 -23.79 -6.75 -20.03
CA GLY A 43 -25.17 -6.50 -19.64
C GLY A 43 -25.07 -6.25 -18.14
N ASP A 44 -26.05 -5.52 -17.62
CA ASP A 44 -25.99 -5.11 -16.23
C ASP A 44 -27.03 -5.77 -15.34
N ALA A 45 -28.08 -6.37 -15.91
CA ALA A 45 -28.79 -7.38 -15.14
C ALA A 45 -27.84 -8.47 -14.71
N LYS A 46 -27.03 -8.99 -15.65
CA LYS A 46 -26.00 -9.95 -15.34
C LYS A 46 -24.92 -9.35 -14.44
N GLY A 47 -24.52 -8.10 -14.74
CA GLY A 47 -23.40 -7.52 -14.03
C GLY A 47 -23.67 -7.27 -12.56
N GLN A 48 -24.90 -6.89 -12.21
CA GLN A 48 -25.24 -6.67 -10.82
C GLN A 48 -25.42 -7.96 -10.03
N ILE A 49 -25.74 -9.06 -10.71
CA ILE A 49 -25.76 -10.36 -10.05
C ILE A 49 -24.33 -10.83 -9.76
N MET A 50 -23.41 -10.68 -10.73
CA MET A 50 -22.00 -10.96 -10.48
C MET A 50 -21.46 -10.16 -9.31
N ASP A 51 -21.83 -8.89 -9.23
CA ASP A 51 -21.41 -8.05 -8.12
C ASP A 51 -21.98 -8.54 -6.79
N ALA A 52 -23.28 -8.87 -6.75
CA ALA A 52 -23.88 -9.26 -5.48
C ALA A 52 -23.26 -10.56 -4.97
N VAL A 53 -22.99 -11.52 -5.87
CA VAL A 53 -22.38 -12.78 -5.46
C VAL A 53 -20.97 -12.56 -4.92
N ILE A 54 -20.17 -11.74 -5.63
CA ILE A 54 -18.81 -11.46 -5.16
C ILE A 54 -18.84 -10.81 -3.79
N ARG A 55 -19.78 -9.89 -3.55
CA ARG A 55 -19.81 -9.16 -2.30
C ARG A 55 -20.33 -10.04 -1.16
N GLU A 56 -21.31 -10.90 -1.44
CA GLU A 56 -21.85 -11.78 -0.41
C GLU A 56 -20.83 -12.80 0.05
N TYR A 57 -19.96 -13.27 -0.85
CA TYR A 57 -19.08 -14.40 -0.58
C TYR A 57 -17.60 -14.05 -0.44
N SER A 58 -17.21 -12.81 -0.76
CA SER A 58 -15.85 -12.30 -0.62
C SER A 58 -14.77 -13.32 -0.98
N PRO A 59 -14.79 -13.86 -2.20
CA PRO A 59 -13.85 -14.94 -2.54
C PRO A 59 -12.42 -14.43 -2.60
N SER A 60 -11.52 -15.23 -2.03
CA SER A 60 -10.08 -14.97 -2.09
C SER A 60 -9.46 -15.45 -3.39
N LEU A 61 -10.03 -16.49 -4.01
CA LEU A 61 -9.50 -17.00 -5.27
C LEU A 61 -10.67 -17.34 -6.17
N VAL A 62 -10.76 -16.63 -7.30
CA VAL A 62 -11.83 -16.83 -8.27
C VAL A 62 -11.22 -17.48 -9.51
N LEU A 63 -11.96 -18.39 -10.11
CA LEU A 63 -11.57 -18.97 -11.38
C LEU A 63 -12.62 -18.61 -12.43
N GLU A 64 -12.16 -18.01 -13.51
CA GLU A 64 -13.01 -17.60 -14.61
C GLU A 64 -12.69 -18.46 -15.81
N LEU A 65 -13.70 -19.13 -16.35
CA LEU A 65 -13.57 -19.94 -17.54
C LEU A 65 -14.18 -19.16 -18.68
N GLY A 66 -13.33 -18.69 -19.61
CA GLY A 66 -13.83 -17.81 -20.65
C GLY A 66 -13.61 -16.35 -20.34
N ALA A 67 -13.13 -15.63 -21.34
CA ALA A 67 -12.90 -14.20 -21.29
C ALA A 67 -13.01 -13.75 -22.72
N TYR A 68 -13.66 -12.62 -22.95
CA TYR A 68 -13.87 -12.16 -24.31
C TYR A 68 -13.10 -10.87 -24.56
N CYS A 69 -13.51 -9.78 -23.91
CA CYS A 69 -12.77 -8.53 -23.99
C CYS A 69 -12.29 -8.10 -22.61
N GLY A 70 -12.45 -8.95 -21.59
CA GLY A 70 -12.08 -8.59 -20.23
C GLY A 70 -13.20 -8.02 -19.37
N TYR A 71 -14.40 -7.85 -19.93
CA TYR A 71 -15.47 -7.22 -19.18
C TYR A 71 -15.74 -7.94 -17.87
N SER A 72 -15.98 -9.25 -17.94
CA SER A 72 -16.24 -10.02 -16.72
C SER A 72 -15.07 -9.92 -15.74
N ALA A 73 -13.83 -10.01 -16.25
CA ALA A 73 -12.68 -10.01 -15.37
C ALA A 73 -12.48 -8.66 -14.71
N VAL A 74 -12.67 -7.57 -15.46
CA VAL A 74 -12.66 -6.25 -14.85
C VAL A 74 -13.78 -6.14 -13.83
N ARG A 75 -14.96 -6.61 -14.20
CA ARG A 75 -16.14 -6.50 -13.34
C ARG A 75 -15.90 -7.20 -12.01
N MET A 76 -15.23 -8.35 -12.04
CA MET A 76 -14.95 -9.09 -10.81
C MET A 76 -13.70 -8.58 -10.11
N ALA A 77 -12.59 -8.41 -10.84
CA ALA A 77 -11.34 -8.07 -10.18
C ALA A 77 -11.46 -6.79 -9.38
N ARG A 78 -12.35 -5.88 -9.80
CA ARG A 78 -12.47 -4.58 -9.16
C ARG A 78 -13.10 -4.68 -7.78
N LEU A 79 -13.68 -5.83 -7.46
CA LEU A 79 -14.37 -6.04 -6.19
C LEU A 79 -13.60 -6.96 -5.26
N LEU A 80 -12.49 -7.54 -5.72
CA LEU A 80 -11.76 -8.47 -4.90
C LEU A 80 -11.07 -7.73 -3.76
N GLN A 81 -10.99 -8.40 -2.61
CA GLN A 81 -10.28 -7.85 -1.47
C GLN A 81 -8.80 -7.75 -1.79
N PRO A 82 -8.02 -7.02 -0.98
CA PRO A 82 -6.56 -7.05 -1.15
C PRO A 82 -6.00 -8.46 -0.99
N GLY A 83 -5.07 -8.80 -1.87
CA GLY A 83 -4.50 -10.14 -1.88
C GLY A 83 -5.38 -11.20 -2.49
N ALA A 84 -6.65 -10.89 -2.80
CA ALA A 84 -7.48 -11.81 -3.55
C ALA A 84 -7.00 -11.82 -5.00
N ARG A 85 -7.26 -12.93 -5.68
CA ARG A 85 -6.69 -13.13 -7.00
C ARG A 85 -7.76 -13.75 -7.91
N LEU A 86 -7.73 -13.34 -9.17
CA LEU A 86 -8.57 -13.90 -10.22
C LEU A 86 -7.69 -14.66 -11.19
N LEU A 87 -8.07 -15.90 -11.50
CA LEU A 87 -7.41 -16.71 -12.51
C LEU A 87 -8.36 -16.87 -13.68
N THR A 88 -7.94 -16.42 -14.85
CA THR A 88 -8.77 -16.44 -16.03
C THR A 88 -8.18 -17.41 -17.04
N MET A 89 -8.99 -18.36 -17.49
CA MET A 89 -8.63 -19.25 -18.58
C MET A 89 -9.41 -18.86 -19.82
N GLU A 90 -8.68 -18.68 -20.91
CA GLU A 90 -9.26 -18.35 -22.20
C GLU A 90 -8.47 -19.13 -23.23
N ILE A 91 -9.21 -19.80 -24.12
CA ILE A 91 -8.58 -20.63 -25.13
C ILE A 91 -8.15 -19.78 -26.34
N ASN A 92 -8.94 -18.77 -26.71
CA ASN A 92 -8.68 -17.93 -27.87
C ASN A 92 -7.56 -16.96 -27.53
N PRO A 93 -6.38 -17.12 -28.12
CA PRO A 93 -5.24 -16.24 -27.77
C PRO A 93 -5.50 -14.77 -28.02
N ASP A 94 -6.43 -14.43 -28.94
CA ASP A 94 -6.70 -13.02 -29.23
C ASP A 94 -7.54 -12.38 -28.15
N CYS A 95 -8.60 -13.07 -27.71
CA CYS A 95 -9.38 -12.61 -26.57
C CYS A 95 -8.52 -12.54 -25.32
N ALA A 96 -7.49 -13.40 -25.21
CA ALA A 96 -6.62 -13.34 -24.04
C ALA A 96 -5.77 -12.09 -24.06
N ALA A 97 -5.28 -11.69 -25.23
CA ALA A 97 -4.45 -10.50 -25.31
C ALA A 97 -5.28 -9.24 -25.11
N ILE A 98 -6.51 -9.21 -25.65
CA ILE A 98 -7.38 -8.06 -25.45
C ILE A 98 -7.74 -7.93 -23.97
N THR A 99 -8.19 -9.03 -23.37
CA THR A 99 -8.48 -9.09 -21.93
C THR A 99 -7.30 -8.55 -21.12
N GLN A 100 -6.09 -8.98 -21.45
CA GLN A 100 -4.94 -8.49 -20.72
C GLN A 100 -4.79 -6.98 -20.85
N GLN A 101 -4.93 -6.47 -22.08
CA GLN A 101 -4.80 -5.04 -22.29
C GLN A 101 -5.92 -4.28 -21.60
N MET A 102 -7.13 -4.85 -21.60
CA MET A 102 -8.26 -4.25 -20.90
C MET A 102 -8.02 -4.21 -19.40
N LEU A 103 -7.42 -5.28 -18.84
CA LEU A 103 -7.08 -5.25 -17.42
C LEU A 103 -5.98 -4.24 -17.14
N ASN A 104 -4.97 -4.17 -18.03
CA ASN A 104 -3.94 -3.15 -17.84
C ASN A 104 -4.54 -1.75 -17.85
N PHE A 105 -5.44 -1.48 -18.79
CA PHE A 105 -6.09 -0.17 -18.83
C PHE A 105 -6.85 0.11 -17.53
N ALA A 106 -7.53 -0.88 -16.97
CA ALA A 106 -8.37 -0.65 -15.81
C ALA A 106 -7.59 -0.49 -14.52
N GLY A 107 -6.28 -0.73 -14.55
CA GLY A 107 -5.48 -0.70 -13.34
C GLY A 107 -5.56 -1.95 -12.49
N LEU A 108 -5.99 -3.08 -13.06
CA LEU A 108 -6.34 -4.29 -12.34
C LEU A 108 -5.39 -5.47 -12.59
N GLN A 109 -4.28 -5.27 -13.31
CA GLN A 109 -3.48 -6.40 -13.76
C GLN A 109 -2.75 -7.10 -12.62
N ASP A 110 -2.51 -6.40 -11.51
CA ASP A 110 -1.87 -6.98 -10.34
C ASP A 110 -2.70 -8.07 -9.68
N LYS A 111 -4.01 -8.11 -9.95
CA LYS A 111 -4.91 -9.08 -9.34
C LYS A 111 -5.21 -10.27 -10.23
N VAL A 112 -4.99 -10.17 -11.53
CA VAL A 112 -5.45 -11.18 -12.46
C VAL A 112 -4.26 -11.89 -13.07
N THR A 113 -4.42 -13.18 -13.26
CA THR A 113 -3.46 -14.00 -13.99
C THR A 113 -4.23 -14.67 -15.12
N ILE A 114 -3.89 -14.33 -16.35
CA ILE A 114 -4.49 -14.96 -17.53
C ILE A 114 -3.69 -16.20 -17.90
N LEU A 115 -4.35 -17.35 -17.94
CA LEU A 115 -3.79 -18.59 -18.48
C LEU A 115 -4.42 -18.82 -19.85
N ASN A 116 -3.60 -18.92 -20.87
CA ASN A 116 -4.13 -19.17 -22.20
C ASN A 116 -4.12 -20.67 -22.45
N GLY A 117 -5.28 -21.22 -22.72
CA GLY A 117 -5.40 -22.63 -23.01
C GLY A 117 -6.83 -23.09 -22.82
N ALA A 118 -7.07 -24.32 -23.28
CA ALA A 118 -8.34 -24.98 -23.01
C ALA A 118 -8.42 -25.32 -21.53
N SER A 119 -9.54 -24.97 -20.93
CA SER A 119 -9.75 -25.19 -19.51
C SER A 119 -9.63 -26.67 -19.15
N GLN A 120 -10.08 -27.57 -20.03
CA GLN A 120 -10.00 -28.99 -19.70
C GLN A 120 -8.56 -29.42 -19.49
N ASP A 121 -7.60 -28.73 -20.14
CA ASP A 121 -6.19 -29.01 -19.99
C ASP A 121 -5.54 -28.18 -18.90
N LEU A 122 -6.01 -26.95 -18.67
CA LEU A 122 -5.43 -26.13 -17.61
C LEU A 122 -5.89 -26.59 -16.23
N ILE A 123 -7.15 -27.02 -16.10
CA ILE A 123 -7.69 -27.33 -14.76
C ILE A 123 -6.88 -28.39 -14.02
N PRO A 124 -6.49 -29.51 -14.64
CA PRO A 124 -5.69 -30.50 -13.90
C PRO A 124 -4.33 -29.98 -13.46
N GLN A 125 -3.92 -28.79 -13.91
CA GLN A 125 -2.61 -28.27 -13.55
C GLN A 125 -2.64 -27.25 -12.42
N LEU A 126 -3.82 -26.80 -11.98
CA LEU A 126 -3.87 -25.68 -11.05
C LEU A 126 -3.11 -25.99 -9.77
N LYS A 127 -3.12 -27.25 -9.33
CA LYS A 127 -2.53 -27.55 -8.04
C LYS A 127 -1.01 -27.56 -8.12
N LYS A 128 -0.46 -28.29 -9.09
CA LYS A 128 1.00 -28.40 -9.17
C LYS A 128 1.64 -27.14 -9.72
N LYS A 129 1.03 -26.50 -10.70
CA LYS A 129 1.68 -25.39 -11.40
C LYS A 129 1.41 -24.04 -10.75
N TYR A 130 0.22 -23.82 -10.16
CA TYR A 130 -0.14 -22.52 -9.60
C TYR A 130 -0.35 -22.57 -8.10
N ASP A 131 -0.05 -23.68 -7.44
CA ASP A 131 -0.19 -23.79 -6.00
C ASP A 131 -1.63 -23.52 -5.56
N VAL A 132 -2.58 -23.83 -6.43
CA VAL A 132 -3.99 -23.70 -6.10
C VAL A 132 -4.42 -24.91 -5.27
N ASP A 133 -5.02 -24.64 -4.11
CA ASP A 133 -5.55 -25.72 -3.28
C ASP A 133 -7.04 -25.91 -3.56
N THR A 134 -7.84 -24.92 -3.22
CA THR A 134 -9.27 -24.90 -3.54
C THR A 134 -9.66 -23.51 -4.00
N LEU A 135 -10.72 -23.43 -4.81
CA LEU A 135 -11.27 -22.16 -5.26
C LEU A 135 -12.46 -21.76 -4.41
N ASP A 136 -12.62 -20.46 -4.22
CA ASP A 136 -13.78 -19.95 -3.50
C ASP A 136 -14.94 -19.67 -4.42
N MET A 137 -14.66 -19.49 -5.71
CA MET A 137 -15.66 -19.15 -6.69
C MET A 137 -15.14 -19.55 -8.06
N VAL A 138 -16.08 -19.93 -8.92
CA VAL A 138 -15.84 -20.29 -10.30
C VAL A 138 -16.91 -19.60 -11.11
N PHE A 139 -16.50 -18.88 -12.16
CA PHE A 139 -17.41 -18.23 -13.08
C PHE A 139 -17.31 -18.93 -14.44
N LEU A 140 -18.42 -19.49 -14.91
CA LEU A 140 -18.46 -20.23 -16.17
C LEU A 140 -19.05 -19.35 -17.27
N ASP A 141 -18.20 -18.82 -18.17
CA ASP A 141 -18.69 -18.03 -19.29
C ASP A 141 -18.03 -18.44 -20.62
N HIS A 142 -17.53 -19.67 -20.71
CA HIS A 142 -16.83 -20.07 -21.92
C HIS A 142 -17.74 -20.90 -22.81
N TRP A 143 -17.19 -21.91 -23.45
CA TRP A 143 -17.97 -22.67 -24.42
C TRP A 143 -19.03 -23.48 -23.69
N LYS A 144 -20.30 -23.28 -24.09
CA LYS A 144 -21.42 -23.87 -23.39
C LYS A 144 -21.30 -25.38 -23.24
N ASP A 145 -20.69 -26.06 -24.22
CA ASP A 145 -20.51 -27.51 -24.12
C ASP A 145 -19.54 -27.91 -23.03
N ARG A 146 -18.73 -26.98 -22.53
CA ARG A 146 -17.72 -27.32 -21.54
C ARG A 146 -18.18 -27.10 -20.11
N TYR A 147 -19.37 -26.51 -19.88
CA TYR A 147 -19.82 -26.20 -18.52
C TYR A 147 -19.87 -27.46 -17.67
N LEU A 148 -20.62 -28.47 -18.11
CA LEU A 148 -20.73 -29.73 -17.39
C LEU A 148 -19.40 -30.48 -17.30
N PRO A 149 -18.74 -30.84 -18.42
CA PRO A 149 -17.47 -31.59 -18.32
C PRO A 149 -16.45 -30.92 -17.42
N ASP A 150 -16.36 -29.58 -17.47
CA ASP A 150 -15.38 -28.88 -16.63
C ASP A 150 -15.77 -28.87 -15.17
N THR A 151 -17.07 -28.78 -14.86
CA THR A 151 -17.51 -28.94 -13.47
C THR A 151 -17.04 -30.28 -12.92
N LEU A 152 -17.26 -31.35 -13.69
CA LEU A 152 -16.79 -32.67 -13.29
C LEU A 152 -15.27 -32.71 -13.08
N LEU A 153 -14.49 -32.05 -13.95
CA LEU A 153 -13.03 -32.02 -13.77
C LEU A 153 -12.64 -31.26 -12.51
N LEU A 154 -13.31 -30.12 -12.25
CA LEU A 154 -13.07 -29.41 -10.99
C LEU A 154 -13.27 -30.32 -9.80
N GLU A 155 -14.33 -31.13 -9.80
CA GLU A 155 -14.54 -32.06 -8.71
C GLU A 155 -13.48 -33.15 -8.70
N LYS A 156 -13.17 -33.72 -9.88
CA LYS A 156 -12.17 -34.79 -9.93
C LYS A 156 -10.87 -34.38 -9.26
N CYS A 157 -10.50 -33.10 -9.36
CA CYS A 157 -9.20 -32.60 -8.89
C CYS A 157 -9.25 -32.03 -7.48
N GLY A 158 -10.39 -32.09 -6.80
CA GLY A 158 -10.50 -31.55 -5.46
C GLY A 158 -10.37 -30.04 -5.38
N LEU A 159 -10.74 -29.35 -6.45
CA LEU A 159 -10.65 -27.89 -6.50
C LEU A 159 -11.87 -27.20 -5.90
N LEU A 160 -12.92 -27.94 -5.58
CA LEU A 160 -14.11 -27.39 -4.95
C LEU A 160 -14.15 -27.82 -3.49
N ARG A 161 -14.59 -26.92 -2.63
CA ARG A 161 -14.80 -27.27 -1.23
C ARG A 161 -16.22 -26.87 -0.84
N LYS A 162 -16.65 -27.34 0.32
CA LYS A 162 -17.95 -26.97 0.85
C LYS A 162 -18.06 -25.46 0.91
N GLY A 163 -18.96 -24.91 0.11
CA GLY A 163 -19.15 -23.47 0.03
C GLY A 163 -18.60 -22.79 -1.21
N THR A 164 -17.75 -23.47 -1.99
CA THR A 164 -17.29 -22.91 -3.25
C THR A 164 -18.48 -22.56 -4.13
N VAL A 165 -18.46 -21.35 -4.69
CA VAL A 165 -19.62 -20.80 -5.39
C VAL A 165 -19.39 -20.91 -6.89
N LEU A 166 -20.15 -21.74 -7.58
CA LEU A 166 -20.16 -21.70 -9.03
C LEU A 166 -21.22 -20.71 -9.48
N LEU A 167 -20.87 -19.88 -10.45
CA LEU A 167 -21.80 -18.95 -11.05
C LEU A 167 -21.71 -19.13 -12.55
N ALA A 168 -22.84 -19.50 -13.17
CA ALA A 168 -22.88 -19.89 -14.57
C ALA A 168 -23.62 -18.82 -15.39
N ASP A 169 -22.98 -18.30 -16.41
CA ASP A 169 -23.60 -17.30 -17.28
C ASP A 169 -24.19 -17.99 -18.52
N ASN A 170 -25.23 -17.35 -19.07
CA ASN A 170 -25.85 -17.76 -20.33
C ASN A 170 -26.42 -19.18 -20.27
N VAL A 171 -27.06 -19.50 -19.14
CA VAL A 171 -27.56 -20.86 -18.97
C VAL A 171 -28.80 -21.12 -19.79
N ILE A 172 -29.47 -20.05 -20.24
CA ILE A 172 -30.68 -20.15 -21.06
C ILE A 172 -30.40 -19.81 -22.52
N VAL A 173 -29.67 -18.72 -22.78
CA VAL A 173 -29.32 -18.30 -24.13
C VAL A 173 -27.80 -18.12 -24.17
N PRO A 174 -27.07 -18.86 -25.02
CA PRO A 174 -27.52 -19.94 -25.92
C PRO A 174 -27.98 -21.22 -25.19
N GLY A 175 -27.67 -21.33 -23.90
CA GLY A 175 -28.28 -22.36 -23.08
C GLY A 175 -27.30 -23.46 -22.72
N THR A 176 -27.39 -23.95 -21.49
CA THR A 176 -26.55 -25.04 -21.01
C THR A 176 -27.40 -26.04 -20.23
N PRO A 177 -28.33 -26.71 -20.92
CA PRO A 177 -29.30 -27.58 -20.21
C PRO A 177 -28.68 -28.76 -19.47
N ASP A 178 -27.65 -29.40 -20.04
CA ASP A 178 -27.05 -30.55 -19.37
C ASP A 178 -26.38 -30.15 -18.05
N PHE A 179 -25.70 -29.00 -18.04
CA PHE A 179 -25.14 -28.44 -16.81
C PHE A 179 -26.22 -28.14 -15.79
N LEU A 180 -27.34 -27.53 -16.24
CA LEU A 180 -28.43 -27.24 -15.32
C LEU A 180 -29.01 -28.51 -14.73
N ALA A 181 -29.16 -29.56 -15.55
CA ALA A 181 -29.69 -30.83 -15.05
C ALA A 181 -28.76 -31.44 -14.03
N TYR A 182 -27.43 -31.34 -14.24
CA TYR A 182 -26.49 -31.97 -13.31
C TYR A 182 -26.52 -31.33 -11.94
N VAL A 183 -26.45 -29.99 -11.89
CA VAL A 183 -26.29 -29.32 -10.58
C VAL A 183 -27.62 -29.24 -9.84
N ARG A 184 -28.72 -28.97 -10.54
CA ARG A 184 -30.01 -29.01 -9.87
C ARG A 184 -30.33 -30.42 -9.36
N GLY A 185 -29.97 -31.45 -10.13
CA GLY A 185 -30.27 -32.83 -9.75
C GLY A 185 -29.34 -33.44 -8.72
N SER A 186 -28.12 -32.91 -8.57
CA SER A 186 -27.14 -33.43 -7.62
C SER A 186 -27.38 -32.84 -6.22
N SER A 187 -27.17 -33.67 -5.20
CA SER A 187 -27.17 -33.21 -3.81
C SER A 187 -25.86 -32.55 -3.41
N SER A 188 -24.85 -32.61 -4.27
CA SER A 188 -23.60 -31.88 -4.08
C SER A 188 -23.74 -30.37 -4.29
N PHE A 189 -24.85 -29.90 -4.89
CA PHE A 189 -25.01 -28.50 -5.26
C PHE A 189 -26.35 -27.96 -4.79
N GLU A 190 -26.35 -26.77 -4.20
CA GLU A 190 -27.58 -26.06 -3.90
C GLU A 190 -27.71 -24.90 -4.88
N CYS A 191 -28.85 -24.83 -5.58
CA CYS A 191 -28.96 -24.01 -6.77
C CYS A 191 -29.94 -22.87 -6.61
N THR A 192 -29.62 -21.77 -7.26
CA THR A 192 -30.45 -20.59 -7.33
C THR A 192 -30.37 -20.09 -8.76
N HIS A 193 -31.51 -19.85 -9.39
CA HIS A 193 -31.51 -19.32 -10.74
C HIS A 193 -31.88 -17.83 -10.71
N TYR A 194 -31.09 -17.02 -11.42
CA TYR A 194 -31.36 -15.59 -11.54
C TYR A 194 -31.78 -15.30 -12.96
N SER A 195 -33.01 -14.87 -13.14
CA SER A 195 -33.53 -14.62 -14.47
C SER A 195 -33.15 -13.22 -14.93
N SER A 196 -33.01 -13.05 -16.24
CA SER A 196 -32.52 -11.78 -16.77
C SER A 196 -33.14 -11.55 -18.13
N TYR A 197 -34.11 -10.66 -18.19
CA TYR A 197 -34.72 -10.28 -19.46
C TYR A 197 -33.78 -9.38 -20.27
N LEU A 198 -33.40 -9.86 -21.45
CA LEU A 198 -32.63 -9.08 -22.42
C LEU A 198 -33.62 -8.20 -23.17
N GLU A 199 -33.81 -6.98 -22.66
CA GLU A 199 -34.84 -6.08 -23.20
C GLU A 199 -34.70 -5.88 -24.70
N TYR A 200 -33.46 -5.81 -25.18
CA TYR A 200 -33.23 -5.52 -26.59
C TYR A 200 -33.46 -6.74 -27.49
N MET A 201 -33.46 -7.96 -26.95
CA MET A 201 -33.73 -9.15 -27.74
C MET A 201 -35.13 -9.70 -27.55
N LYS A 202 -35.88 -9.17 -26.56
CA LYS A 202 -37.21 -9.69 -26.21
C LYS A 202 -37.12 -11.16 -25.82
N VAL A 203 -36.05 -11.53 -25.14
CA VAL A 203 -35.74 -12.92 -24.90
C VAL A 203 -35.27 -13.10 -23.47
N VAL A 204 -35.69 -14.19 -22.84
CA VAL A 204 -35.34 -14.47 -21.46
C VAL A 204 -34.04 -15.25 -21.42
N ASP A 205 -33.11 -14.82 -20.59
CA ASP A 205 -31.87 -15.53 -20.33
C ASP A 205 -31.72 -15.61 -18.81
N GLY A 206 -30.65 -16.25 -18.35
CA GLY A 206 -30.44 -16.37 -16.92
C GLY A 206 -29.04 -16.78 -16.55
N LEU A 207 -28.78 -16.71 -15.25
CA LEU A 207 -27.58 -17.21 -14.62
C LEU A 207 -27.96 -18.23 -13.56
N GLU A 208 -27.08 -19.20 -13.32
CA GLU A 208 -27.29 -20.22 -12.28
C GLU A 208 -26.20 -20.11 -11.21
N LYS A 209 -26.61 -20.08 -9.94
CA LYS A 209 -25.67 -20.12 -8.83
C LYS A 209 -25.78 -21.47 -8.15
N ALA A 210 -24.66 -22.18 -8.08
CA ALA A 210 -24.62 -23.50 -7.44
C ALA A 210 -23.52 -23.47 -6.39
N ILE A 211 -23.89 -23.72 -5.14
CA ILE A 211 -22.94 -23.77 -4.04
C ILE A 211 -22.58 -25.22 -3.77
N TYR A 212 -21.31 -25.57 -3.99
CA TYR A 212 -20.85 -26.93 -3.70
C TYR A 212 -21.03 -27.28 -2.23
N GLN A 213 -21.55 -28.49 -1.97
CA GLN A 213 -21.78 -28.99 -0.62
C GLN A 213 -20.71 -29.96 -0.13
N GLY A 214 -19.82 -30.43 -0.99
CA GLY A 214 -18.94 -31.53 -0.68
C GLY A 214 -19.55 -32.83 -1.18
N PRO A 215 -18.77 -33.91 -1.17
CA PRO A 215 -19.38 -35.24 -1.29
C PRO A 215 -19.66 -35.81 0.09
N SER A 216 -20.83 -36.45 0.22
CA SER A 216 -21.24 -37.01 1.51
C SER A 216 -22.42 -37.96 1.34
N ASP B 3 11.86 14.87 6.79
CA ASP B 3 12.87 14.56 5.79
C ASP B 3 13.87 13.54 6.33
N THR B 4 13.69 12.26 5.95
CA THR B 4 14.33 11.14 6.63
C THR B 4 15.79 10.99 6.19
N LYS B 5 16.45 10.04 6.84
CA LYS B 5 17.86 9.76 6.60
C LYS B 5 18.05 8.94 5.33
N GLU B 6 17.17 7.96 5.08
CA GLU B 6 17.19 7.27 3.80
C GLU B 6 16.84 8.21 2.66
N GLN B 7 16.01 9.22 2.93
CA GLN B 7 15.74 10.24 1.91
C GLN B 7 16.99 11.04 1.60
N ARG B 8 17.78 11.39 2.61
CA ARG B 8 18.99 12.18 2.39
C ARG B 8 20.05 11.40 1.60
N ILE B 9 20.12 10.08 1.80
CA ILE B 9 21.04 9.27 1.00
C ILE B 9 20.64 9.27 -0.46
N LEU B 10 19.33 9.24 -0.73
CA LEU B 10 18.85 9.25 -2.11
C LEU B 10 19.21 10.56 -2.80
N ARG B 11 19.11 11.67 -2.07
CA ARG B 11 19.46 12.96 -2.64
C ARG B 11 20.94 13.03 -2.98
N TYR B 12 21.80 12.54 -2.06
CA TYR B 12 23.25 12.62 -2.27
C TYR B 12 23.68 11.80 -3.46
N VAL B 13 23.13 10.59 -3.62
CA VAL B 13 23.47 9.77 -4.78
C VAL B 13 23.07 10.48 -6.05
N GLN B 14 21.85 11.00 -6.08
CA GLN B 14 21.32 11.71 -7.24
C GLN B 14 22.19 12.91 -7.64
N GLN B 15 23.10 13.33 -6.75
CA GLN B 15 23.93 14.50 -6.99
C GLN B 15 25.41 14.20 -7.21
N ASN B 16 25.90 13.02 -6.81
CA ASN B 16 27.33 12.74 -6.87
C ASN B 16 27.71 11.42 -7.52
N ALA B 17 26.73 10.64 -7.97
CA ALA B 17 27.00 9.34 -8.56
C ALA B 17 26.78 9.40 -10.07
N LYS B 18 27.60 8.68 -10.80
CA LYS B 18 27.41 8.60 -12.24
C LYS B 18 26.12 7.85 -12.52
N PRO B 19 25.19 8.41 -13.28
CA PRO B 19 23.97 7.67 -13.64
C PRO B 19 24.31 6.43 -14.45
N GLY B 20 23.51 5.39 -14.26
CA GLY B 20 23.71 4.15 -14.98
C GLY B 20 24.88 3.33 -14.54
N ASP B 21 25.64 3.78 -13.52
CA ASP B 21 26.81 3.05 -13.02
C ASP B 21 26.48 2.50 -11.64
N PRO B 22 26.12 1.22 -11.53
CA PRO B 22 25.87 0.65 -10.19
C PRO B 22 27.07 0.74 -9.25
N GLN B 23 28.30 0.79 -9.78
CA GLN B 23 29.47 0.84 -8.91
C GLN B 23 29.58 2.17 -8.19
N SER B 24 29.38 3.28 -8.90
CA SER B 24 29.50 4.58 -8.23
C SER B 24 28.27 4.88 -7.37
N VAL B 25 27.12 4.30 -7.70
CA VAL B 25 25.97 4.40 -6.81
C VAL B 25 26.30 3.75 -5.47
N LEU B 26 26.88 2.56 -5.50
CA LEU B 26 27.26 1.89 -4.26
C LEU B 26 28.29 2.69 -3.50
N GLU B 27 29.24 3.32 -4.22
CA GLU B 27 30.29 4.07 -3.56
C GLU B 27 29.76 5.35 -2.94
N ALA B 28 28.83 6.03 -3.62
CA ALA B 28 28.21 7.22 -3.05
C ALA B 28 27.50 6.89 -1.75
N ILE B 29 26.83 5.73 -1.69
CA ILE B 29 26.15 5.32 -0.46
C ILE B 29 27.17 4.99 0.63
N ASP B 30 28.26 4.32 0.27
CA ASP B 30 29.32 4.05 1.24
C ASP B 30 29.95 5.33 1.73
N THR B 31 30.30 6.22 0.81
CA THR B 31 30.90 7.50 1.17
C THR B 31 30.00 8.29 2.11
N TYR B 32 28.72 8.44 1.75
CA TYR B 32 27.83 9.34 2.50
C TYR B 32 27.61 8.85 3.92
N CYS B 33 27.61 7.53 4.14
CA CYS B 33 27.44 6.97 5.47
C CYS B 33 28.75 6.83 6.23
N THR B 34 29.89 7.11 5.59
CA THR B 34 31.17 7.27 6.25
C THR B 34 31.36 8.71 6.73
N GLN B 35 31.07 9.68 5.87
CA GLN B 35 31.24 11.08 6.24
C GLN B 35 30.25 11.48 7.32
N LYS B 36 28.96 11.15 7.15
CA LYS B 36 28.00 11.36 8.24
C LYS B 36 28.16 10.33 9.35
N GLU B 37 29.20 9.50 9.26
CA GLU B 37 29.50 8.38 10.17
C GLU B 37 28.24 7.66 10.66
N TRP B 38 27.24 7.57 9.79
CA TRP B 38 26.00 6.89 10.13
C TRP B 38 26.21 5.38 10.15
N ALA B 39 25.48 4.71 11.03
CA ALA B 39 25.51 3.25 11.13
C ALA B 39 24.57 2.67 10.08
N MET B 40 25.11 1.86 9.18
CA MET B 40 24.33 1.42 8.02
C MET B 40 24.57 -0.04 7.71
N ASN B 41 23.57 -0.64 7.06
CA ASN B 41 23.71 -2.00 6.55
C ASN B 41 24.66 -2.03 5.36
N VAL B 42 24.82 -0.89 4.67
CA VAL B 42 25.83 -0.80 3.64
C VAL B 42 27.18 -1.02 4.28
N GLY B 43 27.91 -1.98 3.75
CA GLY B 43 29.29 -2.18 4.12
C GLY B 43 29.96 -2.94 3.00
N ASP B 44 31.24 -2.68 2.81
CA ASP B 44 31.93 -3.45 1.79
C ASP B 44 32.27 -4.87 2.26
N ALA B 45 32.39 -5.09 3.57
CA ALA B 45 32.64 -6.43 4.09
C ALA B 45 31.45 -7.35 3.84
N LYS B 46 30.26 -6.94 4.26
CA LYS B 46 29.04 -7.68 3.96
C LYS B 46 28.85 -7.85 2.45
N GLY B 47 29.19 -6.82 1.67
CA GLY B 47 28.96 -6.85 0.24
C GLY B 47 29.85 -7.80 -0.51
N GLN B 48 31.11 -7.94 -0.09
CA GLN B 48 31.96 -8.99 -0.63
C GLN B 48 31.33 -10.36 -0.44
N ILE B 49 30.72 -10.60 0.73
CA ILE B 49 30.08 -11.88 0.97
C ILE B 49 28.89 -12.05 0.03
N MET B 50 28.03 -11.03 -0.09
CA MET B 50 26.92 -11.07 -1.03
C MET B 50 27.40 -11.36 -2.46
N ASP B 51 28.35 -10.55 -2.95
CA ASP B 51 28.92 -10.75 -4.28
C ASP B 51 29.33 -12.20 -4.49
N ALA B 52 30.16 -12.73 -3.60
CA ALA B 52 30.65 -14.10 -3.74
C ALA B 52 29.51 -15.11 -3.83
N VAL B 53 28.46 -14.96 -3.01
CA VAL B 53 27.34 -15.90 -3.09
C VAL B 53 26.61 -15.79 -4.43
N ILE B 54 26.37 -14.57 -4.92
CA ILE B 54 25.67 -14.41 -6.20
C ILE B 54 26.52 -14.97 -7.35
N ARG B 55 27.81 -14.70 -7.36
CA ARG B 55 28.65 -15.16 -8.46
C ARG B 55 28.82 -16.67 -8.46
N GLU B 56 28.80 -17.30 -7.28
CA GLU B 56 28.97 -18.75 -7.22
C GLU B 56 27.71 -19.50 -7.68
N TYR B 57 26.52 -18.99 -7.39
CA TYR B 57 25.31 -19.73 -7.68
C TYR B 57 24.56 -19.20 -8.91
N SER B 58 24.93 -18.03 -9.42
CA SER B 58 24.42 -17.45 -10.65
C SER B 58 22.88 -17.57 -10.78
N PRO B 59 22.14 -17.07 -9.79
CA PRO B 59 20.70 -17.34 -9.76
C PRO B 59 19.95 -16.54 -10.82
N SER B 60 18.90 -17.18 -11.35
CA SER B 60 17.98 -16.59 -12.31
C SER B 60 16.81 -15.87 -11.63
N LEU B 61 16.37 -16.35 -10.47
CA LEU B 61 15.25 -15.75 -9.73
C LEU B 61 15.71 -15.52 -8.31
N VAL B 62 15.81 -14.25 -7.92
CA VAL B 62 16.22 -13.88 -6.58
C VAL B 62 15.05 -13.20 -5.90
N LEU B 63 14.78 -13.62 -4.66
CA LEU B 63 13.81 -12.99 -3.79
C LEU B 63 14.57 -12.27 -2.67
N GLU B 64 14.46 -10.94 -2.65
CA GLU B 64 15.01 -10.13 -1.59
C GLU B 64 13.89 -9.66 -0.67
N LEU B 65 14.04 -9.93 0.61
CA LEU B 65 13.05 -9.55 1.62
C LEU B 65 13.63 -8.38 2.41
N GLY B 66 12.92 -7.27 2.41
CA GLY B 66 13.44 -6.05 2.99
C GLY B 66 14.38 -5.32 2.05
N ALA B 67 14.16 -4.01 1.92
CA ALA B 67 15.10 -3.09 1.30
C ALA B 67 15.11 -1.84 2.15
N TYR B 68 16.29 -1.28 2.37
CA TYR B 68 16.30 -0.08 3.16
C TYR B 68 16.38 1.12 2.22
N CYS B 69 17.58 1.38 1.70
CA CYS B 69 17.79 2.44 0.74
C CYS B 69 18.13 1.90 -0.64
N GLY B 70 17.93 0.61 -0.86
CA GLY B 70 18.23 0.00 -2.14
C GLY B 70 19.67 -0.47 -2.31
N TYR B 71 20.53 -0.28 -1.31
CA TYR B 71 21.93 -0.67 -1.46
C TYR B 71 22.07 -2.16 -1.80
N SER B 72 21.46 -3.03 -0.99
CA SER B 72 21.51 -4.47 -1.25
C SER B 72 20.89 -4.85 -2.60
N ALA B 73 19.85 -4.15 -3.03
CA ALA B 73 19.23 -4.48 -4.31
C ALA B 73 20.15 -4.10 -5.47
N VAL B 74 20.74 -2.90 -5.42
CA VAL B 74 21.73 -2.53 -6.45
C VAL B 74 22.91 -3.48 -6.39
N ARG B 75 23.42 -3.72 -5.18
CA ARG B 75 24.53 -4.63 -5.02
C ARG B 75 24.27 -5.96 -5.71
N MET B 76 23.07 -6.52 -5.55
CA MET B 76 22.78 -7.82 -6.15
C MET B 76 22.40 -7.70 -7.63
N ALA B 77 21.53 -6.75 -7.96
CA ALA B 77 21.01 -6.65 -9.32
C ALA B 77 22.11 -6.45 -10.35
N ARG B 78 23.24 -5.87 -9.95
CA ARG B 78 24.26 -5.54 -10.93
C ARG B 78 25.05 -6.77 -11.35
N LEU B 79 25.08 -7.80 -10.50
CA LEU B 79 25.77 -9.04 -10.76
C LEU B 79 24.89 -10.09 -11.40
N LEU B 80 23.60 -9.80 -11.60
CA LEU B 80 22.72 -10.76 -12.24
C LEU B 80 22.99 -10.83 -13.73
N GLN B 81 22.93 -12.04 -14.28
CA GLN B 81 23.10 -12.25 -15.71
C GLN B 81 21.87 -11.76 -16.46
N PRO B 82 21.96 -11.59 -17.77
CA PRO B 82 20.79 -11.15 -18.55
C PRO B 82 19.62 -12.11 -18.42
N GLY B 83 18.42 -11.54 -18.28
CA GLY B 83 17.23 -12.33 -18.15
C GLY B 83 16.90 -12.77 -16.74
N ALA B 84 17.89 -12.79 -15.84
CA ALA B 84 17.63 -13.02 -14.43
C ALA B 84 16.87 -11.84 -13.83
N ARG B 85 16.03 -12.13 -12.85
CA ARG B 85 15.12 -11.15 -12.30
C ARG B 85 15.19 -11.18 -10.78
N LEU B 86 15.09 -10.00 -10.17
CA LEU B 86 15.14 -9.85 -8.73
C LEU B 86 13.81 -9.27 -8.29
N LEU B 87 13.19 -9.92 -7.31
CA LEU B 87 11.93 -9.47 -6.78
C LEU B 87 12.18 -9.08 -5.33
N THR B 88 11.85 -7.84 -4.98
CA THR B 88 12.11 -7.26 -3.67
C THR B 88 10.79 -6.89 -3.02
N MET B 89 10.57 -7.40 -1.80
CA MET B 89 9.41 -7.07 -0.98
C MET B 89 9.85 -6.20 0.19
N GLU B 90 9.17 -5.07 0.35
CA GLU B 90 9.53 -4.11 1.39
C GLU B 90 8.24 -3.61 2.02
N ILE B 91 8.11 -3.78 3.33
CA ILE B 91 6.87 -3.40 4.00
C ILE B 91 6.73 -1.87 4.11
N ASN B 92 7.84 -1.14 4.30
CA ASN B 92 7.77 0.32 4.44
C ASN B 92 7.58 1.01 3.08
N PRO B 93 6.49 1.77 2.89
CA PRO B 93 6.31 2.47 1.60
C PRO B 93 7.42 3.44 1.25
N ASP B 94 7.95 4.14 2.25
CA ASP B 94 9.01 5.12 2.00
C ASP B 94 10.30 4.43 1.56
N CYS B 95 10.64 3.31 2.18
CA CYS B 95 11.86 2.60 1.80
C CYS B 95 11.72 1.97 0.43
N ALA B 96 10.51 1.50 0.09
CA ALA B 96 10.26 0.91 -1.22
C ALA B 96 10.45 1.92 -2.34
N ALA B 97 9.93 3.14 -2.15
CA ALA B 97 10.07 4.19 -3.17
C ALA B 97 11.51 4.67 -3.30
N ILE B 98 12.27 4.69 -2.21
CA ILE B 98 13.66 5.08 -2.32
C ILE B 98 14.45 4.01 -3.08
N THR B 99 14.20 2.75 -2.76
CA THR B 99 14.84 1.66 -3.48
C THR B 99 14.54 1.73 -4.98
N GLN B 100 13.27 1.96 -5.33
CA GLN B 100 12.92 2.06 -6.75
C GLN B 100 13.65 3.20 -7.43
N GLN B 101 13.74 4.36 -6.76
CA GLN B 101 14.47 5.48 -7.36
C GLN B 101 15.96 5.19 -7.37
N MET B 102 16.45 4.53 -6.32
CA MET B 102 17.86 4.13 -6.31
C MET B 102 18.18 3.23 -7.50
N LEU B 103 17.26 2.33 -7.85
CA LEU B 103 17.52 1.38 -8.94
C LEU B 103 17.48 2.06 -10.30
N ASN B 104 16.54 2.99 -10.51
CA ASN B 104 16.49 3.74 -11.77
C ASN B 104 17.81 4.44 -11.99
N PHE B 105 18.31 5.14 -10.97
CA PHE B 105 19.56 5.83 -11.11
C PHE B 105 20.71 4.90 -11.48
N ALA B 106 20.56 3.61 -11.20
CA ALA B 106 21.58 2.63 -11.52
C ALA B 106 21.41 2.00 -12.90
N GLY B 107 20.26 2.16 -13.55
CA GLY B 107 19.99 1.43 -14.78
C GLY B 107 19.48 0.03 -14.58
N LEU B 108 19.08 -0.32 -13.35
CA LEU B 108 18.74 -1.68 -13.00
C LEU B 108 17.24 -1.89 -12.89
N GLN B 109 16.42 -0.92 -13.30
CA GLN B 109 14.98 -1.02 -13.06
C GLN B 109 14.36 -2.18 -13.85
N ASP B 110 14.96 -2.59 -14.97
CA ASP B 110 14.40 -3.68 -15.76
C ASP B 110 14.73 -5.05 -15.19
N LYS B 111 15.78 -5.15 -14.37
CA LYS B 111 16.12 -6.39 -13.69
C LYS B 111 15.27 -6.63 -12.44
N VAL B 112 14.72 -5.58 -11.83
CA VAL B 112 14.22 -5.61 -10.47
C VAL B 112 12.75 -5.22 -10.46
N THR B 113 11.94 -5.98 -9.73
CA THR B 113 10.58 -5.56 -9.42
C THR B 113 10.48 -5.42 -7.91
N ILE B 114 9.88 -4.31 -7.48
CA ILE B 114 9.70 -4.02 -6.07
C ILE B 114 8.21 -4.07 -5.72
N LEU B 115 7.89 -4.84 -4.70
CA LEU B 115 6.53 -4.97 -4.20
C LEU B 115 6.52 -4.38 -2.80
N ASN B 116 5.64 -3.39 -2.59
CA ASN B 116 5.46 -2.81 -1.26
C ASN B 116 4.41 -3.64 -0.53
N GLY B 117 4.85 -4.45 0.42
CA GLY B 117 3.92 -5.20 1.24
C GLY B 117 4.64 -6.12 2.20
N ALA B 118 3.85 -6.86 2.96
CA ALA B 118 4.35 -7.77 3.97
C ALA B 118 4.68 -9.12 3.34
N SER B 119 5.85 -9.65 3.69
CA SER B 119 6.35 -10.85 3.02
C SER B 119 5.42 -12.04 3.22
N GLN B 120 4.87 -12.20 4.43
CA GLN B 120 3.96 -13.31 4.69
C GLN B 120 2.67 -13.21 3.90
N ASP B 121 2.32 -12.03 3.41
CA ASP B 121 1.17 -11.89 2.53
C ASP B 121 1.51 -12.09 1.07
N LEU B 122 2.74 -11.81 0.67
CA LEU B 122 3.12 -11.85 -0.74
C LEU B 122 3.74 -13.18 -1.17
N ILE B 123 4.59 -13.77 -0.32
CA ILE B 123 5.15 -15.07 -0.63
C ILE B 123 4.10 -16.08 -1.08
N PRO B 124 2.96 -16.24 -0.40
CA PRO B 124 1.94 -17.19 -0.89
C PRO B 124 1.41 -16.88 -2.28
N GLN B 125 1.43 -15.62 -2.70
CA GLN B 125 0.82 -15.24 -3.97
C GLN B 125 1.77 -15.42 -5.15
N LEU B 126 3.07 -15.58 -4.90
CA LEU B 126 4.08 -15.51 -5.96
C LEU B 126 3.76 -16.46 -7.11
N LYS B 127 3.31 -17.67 -6.78
CA LYS B 127 3.24 -18.70 -7.80
C LYS B 127 2.07 -18.48 -8.75
N LYS B 128 0.94 -18.01 -8.24
CA LYS B 128 -0.19 -17.70 -9.11
C LYS B 128 -0.17 -16.26 -9.58
N LYS B 129 0.86 -15.50 -9.24
CA LYS B 129 1.07 -14.18 -9.82
C LYS B 129 2.10 -14.19 -10.94
N TYR B 130 3.18 -14.98 -10.82
CA TYR B 130 4.35 -14.76 -11.66
C TYR B 130 4.76 -15.91 -12.56
N ASP B 131 4.20 -17.11 -12.37
CA ASP B 131 4.70 -18.30 -13.07
C ASP B 131 6.15 -18.57 -12.71
N VAL B 132 6.29 -19.05 -11.50
CA VAL B 132 7.55 -19.43 -10.92
C VAL B 132 7.35 -20.84 -10.42
N ASP B 133 8.37 -21.67 -10.60
CA ASP B 133 8.36 -22.98 -9.99
C ASP B 133 9.03 -22.85 -8.63
N THR B 134 10.33 -22.53 -8.63
CA THR B 134 11.09 -22.38 -7.39
C THR B 134 12.09 -21.24 -7.57
N LEU B 135 12.51 -20.69 -6.44
CA LEU B 135 13.51 -19.64 -6.44
C LEU B 135 14.91 -20.27 -6.42
N ASP B 136 15.89 -19.49 -6.89
CA ASP B 136 17.28 -19.90 -6.87
C ASP B 136 18.04 -19.34 -5.69
N MET B 137 17.63 -18.17 -5.22
CA MET B 137 18.27 -17.52 -4.09
C MET B 137 17.26 -16.65 -3.37
N VAL B 138 17.33 -16.67 -2.05
CA VAL B 138 16.54 -15.80 -1.21
C VAL B 138 17.53 -14.99 -0.38
N PHE B 139 17.30 -13.67 -0.30
CA PHE B 139 18.09 -12.77 0.53
C PHE B 139 17.21 -12.20 1.64
N LEU B 140 17.54 -12.54 2.90
CA LEU B 140 16.73 -12.15 4.05
C LEU B 140 17.41 -11.00 4.79
N ASP B 141 16.72 -9.85 4.81
CA ASP B 141 17.22 -8.63 5.45
C ASP B 141 16.05 -7.75 5.95
N HIS B 142 14.94 -8.37 6.34
CA HIS B 142 13.79 -7.59 6.78
C HIS B 142 13.64 -7.71 8.29
N TRP B 143 12.41 -7.74 8.81
CA TRP B 143 12.19 -7.77 10.25
C TRP B 143 12.77 -9.03 10.83
N LYS B 144 13.61 -8.87 11.87
CA LYS B 144 14.32 -10.01 12.43
C LYS B 144 13.35 -11.13 12.87
N ASP B 145 12.17 -10.78 13.37
CA ASP B 145 11.26 -11.83 13.82
C ASP B 145 10.54 -12.54 12.67
N ARG B 146 10.76 -12.13 11.42
CA ARG B 146 10.18 -12.82 10.26
C ARG B 146 11.14 -13.79 9.56
N TYR B 147 12.42 -13.82 9.93
CA TYR B 147 13.37 -14.71 9.28
C TYR B 147 12.91 -16.16 9.36
N LEU B 148 12.58 -16.62 10.58
CA LEU B 148 12.18 -18.02 10.73
C LEU B 148 10.81 -18.28 10.10
N PRO B 149 9.74 -17.58 10.45
CA PRO B 149 8.46 -17.91 9.81
C PRO B 149 8.46 -17.70 8.31
N ASP B 150 9.25 -16.78 7.77
CA ASP B 150 9.24 -16.65 6.31
C ASP B 150 10.03 -17.76 5.63
N THR B 151 11.10 -18.26 6.28
CA THR B 151 11.75 -19.47 5.79
C THR B 151 10.77 -20.64 5.73
N LEU B 152 10.05 -20.87 6.84
CA LEU B 152 9.08 -21.95 6.90
C LEU B 152 7.97 -21.75 5.88
N LEU B 153 7.60 -20.50 5.61
CA LEU B 153 6.55 -20.25 4.63
C LEU B 153 7.02 -20.59 3.22
N LEU B 154 8.27 -20.25 2.89
CA LEU B 154 8.81 -20.59 1.58
C LEU B 154 8.83 -22.11 1.38
N GLU B 155 9.18 -22.86 2.42
CA GLU B 155 9.05 -24.31 2.35
C GLU B 155 7.61 -24.71 2.06
N LYS B 156 6.66 -24.14 2.82
CA LYS B 156 5.26 -24.52 2.70
C LYS B 156 4.64 -24.12 1.36
N CYS B 157 5.15 -23.07 0.72
CA CYS B 157 4.69 -22.73 -0.62
C CYS B 157 5.47 -23.44 -1.72
N GLY B 158 6.36 -24.37 -1.34
CA GLY B 158 7.15 -25.06 -2.33
C GLY B 158 8.00 -24.18 -3.19
N LEU B 159 8.51 -23.08 -2.64
CA LEU B 159 9.35 -22.18 -3.42
C LEU B 159 10.84 -22.47 -3.29
N LEU B 160 11.23 -23.51 -2.54
CA LEU B 160 12.62 -23.91 -2.42
C LEU B 160 12.81 -25.28 -3.06
N ARG B 161 13.90 -25.45 -3.79
CA ARG B 161 14.33 -26.73 -4.34
C ARG B 161 15.73 -27.06 -3.84
N LYS B 162 16.12 -28.31 -4.05
CA LYS B 162 17.47 -28.71 -3.72
C LYS B 162 18.45 -27.78 -4.41
N GLY B 163 19.23 -27.06 -3.60
CA GLY B 163 20.22 -26.15 -4.10
C GLY B 163 19.87 -24.69 -3.97
N THR B 164 18.61 -24.34 -3.64
CA THR B 164 18.26 -22.94 -3.40
C THR B 164 19.05 -22.39 -2.22
N VAL B 165 19.65 -21.20 -2.41
CA VAL B 165 20.53 -20.61 -1.42
C VAL B 165 19.77 -19.53 -0.66
N LEU B 166 19.62 -19.72 0.64
CA LEU B 166 19.22 -18.62 1.52
C LEU B 166 20.48 -17.94 2.07
N LEU B 167 20.54 -16.63 1.91
CA LEU B 167 21.57 -15.79 2.50
C LEU B 167 20.90 -14.77 3.41
N ALA B 168 21.19 -14.86 4.71
CA ALA B 168 20.56 -14.03 5.73
C ALA B 168 21.59 -13.06 6.30
N ASP B 169 21.28 -11.77 6.21
CA ASP B 169 22.14 -10.72 6.72
C ASP B 169 21.71 -10.35 8.15
N ASN B 170 22.65 -9.80 8.91
CA ASN B 170 22.38 -9.22 10.23
C ASN B 170 21.90 -10.26 11.22
N VAL B 171 22.41 -11.48 11.11
CA VAL B 171 21.97 -12.55 12.00
C VAL B 171 22.59 -12.47 13.38
N ILE B 172 23.55 -11.57 13.60
CA ILE B 172 24.16 -11.38 14.91
C ILE B 172 23.72 -10.06 15.54
N VAL B 173 23.76 -8.98 14.75
CA VAL B 173 23.36 -7.65 15.16
C VAL B 173 22.26 -7.21 14.19
N PRO B 174 21.00 -7.14 14.61
CA PRO B 174 20.48 -7.36 15.97
C PRO B 174 20.37 -8.83 16.42
N GLY B 175 20.35 -9.78 15.49
CA GLY B 175 20.30 -11.18 15.94
C GLY B 175 19.00 -11.87 15.54
N THR B 176 19.14 -13.02 14.88
CA THR B 176 18.01 -13.87 14.51
C THR B 176 18.30 -15.30 14.98
N PRO B 177 18.40 -15.50 16.29
CA PRO B 177 18.82 -16.82 16.78
C PRO B 177 17.83 -17.94 16.48
N ASP B 178 16.53 -17.65 16.44
CA ASP B 178 15.55 -18.70 16.16
C ASP B 178 15.74 -19.25 14.74
N PHE B 179 15.89 -18.36 13.75
CA PHE B 179 16.22 -18.73 12.39
C PHE B 179 17.52 -19.51 12.32
N LEU B 180 18.56 -19.01 12.99
CA LEU B 180 19.85 -19.68 12.98
C LEU B 180 19.74 -21.10 13.50
N ALA B 181 19.12 -21.25 14.68
CA ALA B 181 19.02 -22.56 15.32
C ALA B 181 18.22 -23.53 14.44
N TYR B 182 17.18 -23.03 13.76
CA TYR B 182 16.35 -23.90 12.95
C TYR B 182 17.14 -24.46 11.77
N VAL B 183 17.68 -23.58 10.91
CA VAL B 183 18.38 -24.05 9.71
C VAL B 183 19.64 -24.85 10.07
N ARG B 184 20.36 -24.45 11.12
CA ARG B 184 21.52 -25.23 11.54
C ARG B 184 21.11 -26.61 12.03
N GLY B 185 20.01 -26.70 12.81
CA GLY B 185 19.55 -27.99 13.28
C GLY B 185 18.82 -28.85 12.26
N SER B 186 18.25 -28.24 11.22
CA SER B 186 17.41 -29.00 10.30
C SER B 186 18.25 -29.68 9.22
N SER B 187 17.94 -30.96 8.96
CA SER B 187 18.65 -31.68 7.91
C SER B 187 18.26 -31.21 6.51
N SER B 188 17.20 -30.41 6.40
CA SER B 188 16.78 -29.73 5.18
C SER B 188 17.71 -28.60 4.78
N PHE B 189 18.69 -28.24 5.60
CA PHE B 189 19.55 -27.12 5.26
C PHE B 189 21.00 -27.44 5.60
N GLU B 190 21.91 -26.99 4.74
CA GLU B 190 23.35 -26.98 4.98
C GLU B 190 23.84 -25.55 5.14
N CYS B 191 24.51 -25.27 6.26
CA CYS B 191 24.74 -23.91 6.72
C CYS B 191 26.22 -23.54 6.78
N THR B 192 26.49 -22.27 6.53
CA THR B 192 27.79 -21.66 6.71
C THR B 192 27.59 -20.27 7.31
N HIS B 193 28.42 -19.93 8.29
CA HIS B 193 28.40 -18.60 8.89
C HIS B 193 29.54 -17.76 8.34
N TYR B 194 29.23 -16.51 8.00
CA TYR B 194 30.24 -15.56 7.54
C TYR B 194 30.34 -14.43 8.54
N SER B 195 31.45 -14.39 9.29
CA SER B 195 31.73 -13.27 10.18
C SER B 195 31.96 -12.01 9.36
N SER B 196 31.65 -10.88 9.96
CA SER B 196 31.75 -9.61 9.26
C SER B 196 31.88 -8.50 10.29
N TYR B 197 32.84 -7.62 10.09
CA TYR B 197 33.05 -6.51 11.01
C TYR B 197 32.14 -5.35 10.62
N LEU B 198 31.39 -4.85 11.59
CA LEU B 198 30.64 -3.60 11.37
C LEU B 198 31.64 -2.46 11.33
N GLU B 199 31.96 -2.01 10.11
CA GLU B 199 33.15 -1.20 9.87
C GLU B 199 33.03 0.18 10.51
N TYR B 200 31.88 0.84 10.35
CA TYR B 200 31.72 2.22 10.82
C TYR B 200 30.63 2.32 11.88
N MET B 201 30.82 1.64 13.01
CA MET B 201 29.95 1.78 14.17
C MET B 201 30.85 1.73 15.40
N LYS B 202 30.93 2.86 16.11
CA LYS B 202 31.83 3.02 17.25
C LYS B 202 31.11 2.66 18.55
N VAL B 203 31.72 1.76 19.34
CA VAL B 203 31.13 1.39 20.63
C VAL B 203 31.26 2.54 21.62
N VAL B 204 30.15 2.91 22.25
CA VAL B 204 30.10 3.99 23.22
C VAL B 204 30.04 3.38 24.62
N ASP B 205 31.01 3.74 25.45
CA ASP B 205 31.05 3.54 26.89
C ASP B 205 31.00 4.92 27.55
N GLY B 206 31.29 4.97 28.84
CA GLY B 206 31.35 6.26 29.50
C GLY B 206 31.80 6.12 30.94
N LEU B 207 32.13 7.28 31.52
CA LEU B 207 32.41 7.37 32.94
C LEU B 207 31.40 8.30 33.60
N GLU B 208 31.23 8.11 34.90
CA GLU B 208 30.37 8.97 35.70
C GLU B 208 31.22 9.63 36.78
N LYS B 209 31.06 10.94 36.92
CA LYS B 209 31.62 11.66 38.04
C LYS B 209 30.48 12.02 39.00
N ALA B 210 30.61 11.58 40.25
CA ALA B 210 29.61 11.86 41.27
C ALA B 210 30.31 12.49 42.46
N ILE B 211 29.90 13.71 42.82
CA ILE B 211 30.54 14.48 43.88
C ILE B 211 29.66 14.45 45.12
N TYR B 212 30.19 13.89 46.20
CA TYR B 212 29.43 13.83 47.43
C TYR B 212 29.19 15.24 47.96
N GLN B 213 27.93 15.51 48.34
CA GLN B 213 27.49 16.81 48.81
C GLN B 213 27.56 16.96 50.33
N GLY B 214 28.03 15.94 51.05
CA GLY B 214 28.07 15.97 52.48
C GLY B 214 26.72 15.69 53.11
N PRO B 215 26.67 15.56 54.45
CA PRO B 215 25.38 15.62 55.16
C PRO B 215 25.04 17.02 55.66
N SER B 216 24.12 17.70 54.96
CA SER B 216 23.81 19.11 55.24
C SER B 216 22.55 19.30 56.05
N ASP C 3 24.61 16.57 26.51
CA ASP C 3 24.33 15.14 26.25
C ASP C 3 23.41 14.57 27.32
N THR C 4 22.45 13.73 26.92
CA THR C 4 21.45 13.23 27.86
C THR C 4 21.26 11.73 27.74
N LYS C 5 20.59 11.18 28.75
CA LYS C 5 20.23 9.77 28.73
C LYS C 5 19.41 9.44 27.48
N GLU C 6 18.43 10.28 27.13
CA GLU C 6 17.59 9.99 25.96
C GLU C 6 18.40 9.97 24.68
N GLN C 7 19.41 10.83 24.56
CA GLN C 7 20.27 10.80 23.40
C GLN C 7 21.07 9.51 23.35
N ARG C 8 21.66 9.09 24.48
CA ARG C 8 22.47 7.87 24.47
C ARG C 8 21.63 6.65 24.11
N ILE C 9 20.35 6.65 24.50
CA ILE C 9 19.47 5.55 24.10
C ILE C 9 19.24 5.58 22.59
N LEU C 10 18.96 6.74 22.03
CA LEU C 10 18.87 6.85 20.58
C LEU C 10 20.13 6.29 19.92
N ARG C 11 21.30 6.74 20.37
CA ARG C 11 22.54 6.33 19.72
C ARG C 11 22.72 4.82 19.77
N TYR C 12 22.32 4.19 20.88
CA TYR C 12 22.46 2.75 21.02
C TYR C 12 21.48 2.01 20.12
N VAL C 13 20.24 2.49 20.04
CA VAL C 13 19.30 1.91 19.08
C VAL C 13 19.88 1.97 17.67
N GLN C 14 20.41 3.13 17.27
CA GLN C 14 20.92 3.31 15.92
C GLN C 14 22.06 2.36 15.61
N GLN C 15 22.78 1.88 16.63
CA GLN C 15 23.89 0.95 16.41
C GLN C 15 23.51 -0.51 16.57
N ASN C 16 22.39 -0.83 17.21
CA ASN C 16 22.10 -2.23 17.55
C ASN C 16 20.77 -2.74 17.07
N ALA C 17 19.89 -1.88 16.57
CA ALA C 17 18.61 -2.29 16.04
C ALA C 17 18.66 -2.19 14.52
N LYS C 18 17.57 -2.64 13.90
CA LYS C 18 17.43 -2.74 12.47
C LYS C 18 16.54 -1.61 11.99
N PRO C 19 17.00 -0.76 11.08
CA PRO C 19 16.15 0.32 10.55
C PRO C 19 14.81 -0.19 10.03
N GLY C 20 13.72 0.44 10.48
CA GLY C 20 12.38 0.07 10.11
C GLY C 20 11.81 -1.15 10.81
N ASP C 21 12.51 -1.69 11.81
CA ASP C 21 12.06 -2.90 12.50
C ASP C 21 11.69 -2.55 13.94
N PRO C 22 10.42 -2.24 14.23
CA PRO C 22 10.06 -1.75 15.58
C PRO C 22 10.34 -2.75 16.70
N GLN C 23 10.12 -4.04 16.48
CA GLN C 23 10.48 -5.02 17.51
C GLN C 23 11.95 -4.87 17.92
N SER C 24 12.86 -4.83 16.95
CA SER C 24 14.27 -4.78 17.32
C SER C 24 14.63 -3.46 17.97
N VAL C 25 13.90 -2.39 17.63
CA VAL C 25 14.09 -1.12 18.33
C VAL C 25 13.66 -1.25 19.78
N LEU C 26 12.48 -1.84 20.02
CA LEU C 26 11.99 -2.01 21.38
C LEU C 26 12.94 -2.87 22.19
N GLU C 27 13.51 -3.90 21.57
CA GLU C 27 14.41 -4.78 22.30
C GLU C 27 15.72 -4.11 22.62
N ALA C 28 16.24 -3.29 21.69
CA ALA C 28 17.45 -2.53 21.98
C ALA C 28 17.24 -1.62 23.19
N ILE C 29 16.11 -0.90 23.20
CA ILE C 29 15.85 0.01 24.31
C ILE C 29 15.73 -0.76 25.62
N ASP C 30 14.94 -1.84 25.61
CA ASP C 30 14.82 -2.71 26.79
C ASP C 30 16.18 -3.18 27.28
N THR C 31 17.03 -3.66 26.36
CA THR C 31 18.37 -4.08 26.74
C THR C 31 19.15 -2.93 27.35
N TYR C 32 19.20 -1.78 26.67
CA TYR C 32 19.94 -0.64 27.17
C TYR C 32 19.43 -0.18 28.53
N CYS C 33 18.11 -0.23 28.74
CA CYS C 33 17.54 0.30 29.97
C CYS C 33 17.46 -0.74 31.07
N THR C 34 17.85 -1.97 30.77
CA THR C 34 18.02 -3.03 31.77
C THR C 34 19.46 -3.13 32.22
N GLN C 35 20.41 -3.09 31.29
CA GLN C 35 21.81 -3.38 31.58
C GLN C 35 22.68 -2.14 31.74
N LYS C 36 22.28 -1.00 31.18
CA LYS C 36 23.15 0.16 31.14
C LYS C 36 22.62 1.35 31.91
N GLU C 37 21.48 1.95 31.53
CA GLU C 37 20.93 3.05 32.32
C GLU C 37 19.43 2.88 32.47
N TRP C 38 18.97 2.78 33.71
CA TRP C 38 17.54 2.66 33.98
C TRP C 38 16.77 3.89 33.50
N ALA C 39 15.53 3.66 33.08
CA ALA C 39 14.59 4.71 32.71
C ALA C 39 13.18 4.20 32.95
N MET C 40 12.34 5.01 33.60
CA MET C 40 11.04 4.53 34.11
C MET C 40 10.08 4.16 32.99
N ASN C 41 10.23 4.78 31.81
CA ASN C 41 9.35 4.51 30.68
C ASN C 41 9.28 3.02 30.38
N VAL C 42 10.44 2.37 30.36
CA VAL C 42 10.62 1.10 29.70
C VAL C 42 10.71 -0.03 30.72
N GLY C 43 10.27 -1.20 30.27
CA GLY C 43 10.07 -2.39 31.08
C GLY C 43 9.08 -3.23 30.31
N ASP C 44 9.18 -4.56 30.39
CA ASP C 44 8.31 -5.39 29.56
C ASP C 44 7.08 -5.89 30.29
N ALA C 45 7.05 -5.84 31.62
CA ALA C 45 5.77 -5.97 32.29
C ALA C 45 4.84 -4.83 31.88
N LYS C 46 5.34 -3.59 31.91
CA LYS C 46 4.56 -2.47 31.39
C LYS C 46 4.20 -2.70 29.93
N GLY C 47 5.20 -3.06 29.12
CA GLY C 47 5.01 -3.08 27.68
C GLY C 47 3.97 -4.09 27.23
N GLN C 48 3.95 -5.27 27.86
CA GLN C 48 2.96 -6.24 27.44
C GLN C 48 1.55 -5.79 27.81
N ILE C 49 1.39 -5.10 28.94
CA ILE C 49 0.09 -4.53 29.29
C ILE C 49 -0.34 -3.51 28.24
N MET C 50 0.58 -2.62 27.84
CA MET C 50 0.28 -1.67 26.77
C MET C 50 -0.15 -2.40 25.50
N ASP C 51 0.56 -3.46 25.14
CA ASP C 51 0.26 -4.20 23.91
C ASP C 51 -1.11 -4.84 24.00
N ALA C 52 -1.42 -5.46 25.13
CA ALA C 52 -2.71 -6.10 25.30
C ALA C 52 -3.85 -5.10 25.17
N VAL C 53 -3.71 -3.92 25.79
CA VAL C 53 -4.76 -2.93 25.71
C VAL C 53 -4.93 -2.43 24.28
N ILE C 54 -3.83 -2.24 23.55
CA ILE C 54 -3.96 -1.77 22.18
C ILE C 54 -4.70 -2.79 21.34
N ARG C 55 -4.36 -4.07 21.47
CA ARG C 55 -4.98 -5.11 20.65
C ARG C 55 -6.47 -5.25 20.98
N GLU C 56 -6.81 -5.28 22.27
CA GLU C 56 -8.20 -5.53 22.66
C GLU C 56 -9.11 -4.40 22.21
N TYR C 57 -8.64 -3.16 22.26
CA TYR C 57 -9.50 -2.01 22.00
C TYR C 57 -9.32 -1.40 20.60
N SER C 58 -8.34 -1.88 19.81
CA SER C 58 -8.05 -1.44 18.43
C SER C 58 -8.29 0.05 18.21
N PRO C 59 -7.71 0.93 19.01
CA PRO C 59 -8.03 2.35 18.90
C PRO C 59 -7.61 2.90 17.55
N SER C 60 -8.48 3.71 16.94
CA SER C 60 -8.12 4.37 15.70
C SER C 60 -7.41 5.68 15.95
N LEU C 61 -7.51 6.23 17.15
CA LEU C 61 -6.84 7.48 17.52
C LEU C 61 -6.40 7.39 18.97
N VAL C 62 -5.10 7.51 19.19
CA VAL C 62 -4.47 7.43 20.50
C VAL C 62 -3.83 8.78 20.80
N LEU C 63 -4.02 9.27 22.02
CA LEU C 63 -3.30 10.43 22.52
C LEU C 63 -2.32 9.99 23.59
N GLU C 64 -1.05 10.27 23.39
CA GLU C 64 -0.02 9.98 24.37
C GLU C 64 0.39 11.29 25.03
N LEU C 65 0.27 11.36 26.33
CA LEU C 65 0.73 12.51 27.11
C LEU C 65 2.09 12.15 27.68
N GLY C 66 3.14 12.81 27.17
CA GLY C 66 4.49 12.46 27.57
C GLY C 66 5.17 11.51 26.59
N ALA C 67 6.38 11.88 26.22
CA ALA C 67 7.27 11.06 25.41
C ALA C 67 8.64 11.26 26.02
N TYR C 68 9.40 10.19 26.15
CA TYR C 68 10.73 10.43 26.69
C TYR C 68 11.73 10.25 25.56
N CYS C 69 12.03 8.99 25.23
CA CYS C 69 12.85 8.68 24.07
C CYS C 69 12.04 8.03 22.98
N GLY C 70 10.72 8.00 23.13
CA GLY C 70 9.84 7.41 22.15
C GLY C 70 9.59 5.92 22.29
N TYR C 71 10.11 5.28 23.33
CA TYR C 71 9.83 3.86 23.50
C TYR C 71 8.33 3.60 23.45
N SER C 72 7.55 4.40 24.18
CA SER C 72 6.11 4.15 24.28
C SER C 72 5.40 4.42 22.97
N ALA C 73 5.78 5.51 22.28
CA ALA C 73 5.21 5.79 20.96
C ALA C 73 5.49 4.65 19.99
N VAL C 74 6.74 4.17 19.94
CA VAL C 74 7.08 3.05 19.08
C VAL C 74 6.28 1.81 19.48
N ARG C 75 6.19 1.55 20.78
CA ARG C 75 5.45 0.40 21.29
C ARG C 75 3.97 0.44 20.87
N MET C 76 3.32 1.59 20.96
CA MET C 76 1.92 1.68 20.57
C MET C 76 1.74 1.79 19.06
N ALA C 77 2.57 2.58 18.39
CA ALA C 77 2.34 2.83 16.97
C ALA C 77 2.51 1.57 16.15
N ARG C 78 3.37 0.64 16.59
CA ARG C 78 3.64 -0.53 15.78
C ARG C 78 2.45 -1.48 15.79
N LEU C 79 1.51 -1.32 16.72
CA LEU C 79 0.29 -2.13 16.80
C LEU C 79 -0.92 -1.43 16.18
N LEU C 80 -0.76 -0.21 15.70
CA LEU C 80 -1.90 0.52 15.17
C LEU C 80 -2.31 -0.03 13.81
N GLN C 81 -3.63 -0.08 13.58
CA GLN C 81 -4.17 -0.54 12.31
C GLN C 81 -3.85 0.46 11.22
N PRO C 82 -3.90 0.04 9.97
CA PRO C 82 -3.73 1.01 8.87
C PRO C 82 -4.81 2.07 8.96
N GLY C 83 -4.40 3.34 8.85
CA GLY C 83 -5.31 4.46 8.99
C GLY C 83 -5.42 5.02 10.38
N ALA C 84 -5.02 4.26 11.39
CA ALA C 84 -5.03 4.78 12.74
C ALA C 84 -3.84 5.73 12.93
N ARG C 85 -3.87 6.44 14.05
CA ARG C 85 -2.95 7.55 14.25
C ARG C 85 -2.65 7.71 15.74
N LEU C 86 -1.40 8.02 16.05
CA LEU C 86 -0.96 8.37 17.38
C LEU C 86 -0.61 9.86 17.41
N LEU C 87 -1.19 10.58 18.37
CA LEU C 87 -0.82 11.96 18.68
C LEU C 87 -0.07 11.98 20.00
N THR C 88 1.17 12.44 19.98
CA THR C 88 2.02 12.47 21.16
C THR C 88 2.29 13.92 21.55
N MET C 89 1.90 14.29 22.77
CA MET C 89 2.24 15.60 23.33
C MET C 89 3.44 15.47 24.25
N GLU C 90 4.37 16.40 24.13
CA GLU C 90 5.58 16.38 24.94
C GLU C 90 6.08 17.80 25.10
N ILE C 91 6.32 18.20 26.35
CA ILE C 91 6.64 19.60 26.64
C ILE C 91 8.13 19.91 26.47
N ASN C 92 9.00 18.94 26.69
CA ASN C 92 10.45 19.15 26.55
C ASN C 92 10.88 19.02 25.08
N PRO C 93 11.42 20.07 24.47
CA PRO C 93 11.71 20.00 23.02
C PRO C 93 12.77 18.98 22.65
N ASP C 94 13.66 18.59 23.56
CA ASP C 94 14.66 17.56 23.24
C ASP C 94 14.05 16.16 23.24
N CYS C 95 13.23 15.85 24.24
CA CYS C 95 12.52 14.58 24.23
C CYS C 95 11.62 14.47 23.00
N ALA C 96 10.95 15.57 22.63
CA ALA C 96 10.20 15.58 21.37
C ALA C 96 11.09 15.21 20.20
N ALA C 97 12.25 15.86 20.07
CA ALA C 97 13.10 15.65 18.91
C ALA C 97 13.66 14.23 18.87
N ILE C 98 14.13 13.70 20.01
CA ILE C 98 14.63 12.34 20.02
C ILE C 98 13.52 11.36 19.68
N THR C 99 12.32 11.60 20.23
CA THR C 99 11.19 10.74 19.94
C THR C 99 10.89 10.71 18.44
N GLN C 100 11.02 11.86 17.78
CA GLN C 100 10.81 11.89 16.34
C GLN C 100 11.83 11.03 15.62
N GLN C 101 13.10 11.16 16.01
CA GLN C 101 14.14 10.36 15.38
C GLN C 101 13.99 8.89 15.70
N MET C 102 13.54 8.58 16.92
CA MET C 102 13.31 7.18 17.24
C MET C 102 12.21 6.61 16.37
N LEU C 103 11.11 7.36 16.19
CA LEU C 103 10.04 6.92 15.30
C LEU C 103 10.50 6.81 13.86
N ASN C 104 11.28 7.78 13.38
CA ASN C 104 11.82 7.69 12.03
C ASN C 104 12.61 6.41 11.87
N PHE C 105 13.52 6.13 12.82
CA PHE C 105 14.31 4.91 12.75
C PHE C 105 13.42 3.69 12.72
N ALA C 106 12.43 3.63 13.61
CA ALA C 106 11.51 2.51 13.66
C ALA C 106 10.67 2.37 12.39
N GLY C 107 10.58 3.42 11.57
CA GLY C 107 9.75 3.38 10.37
C GLY C 107 8.28 3.66 10.60
N LEU C 108 7.94 4.27 11.74
CA LEU C 108 6.56 4.55 12.12
C LEU C 108 6.16 6.02 12.03
N GLN C 109 6.96 6.87 11.37
CA GLN C 109 6.66 8.31 11.45
C GLN C 109 5.39 8.70 10.71
N ASP C 110 4.98 7.93 9.72
CA ASP C 110 3.72 8.15 9.00
C ASP C 110 2.49 7.91 9.86
N LYS C 111 2.65 7.30 11.04
CA LYS C 111 1.55 6.99 11.93
C LYS C 111 1.45 7.93 13.12
N VAL C 112 2.45 8.79 13.32
CA VAL C 112 2.52 9.58 14.53
C VAL C 112 2.63 11.05 14.15
N THR C 113 1.96 11.89 14.92
CA THR C 113 2.20 13.33 14.93
C THR C 113 2.65 13.71 16.33
N ILE C 114 3.81 14.34 16.43
CA ILE C 114 4.33 14.87 17.69
C ILE C 114 3.95 16.34 17.79
N LEU C 115 3.29 16.71 18.88
CA LEU C 115 2.96 18.09 19.20
C LEU C 115 3.86 18.54 20.34
N ASN C 116 4.67 19.55 20.11
CA ASN C 116 5.55 20.04 21.16
C ASN C 116 4.86 21.16 21.93
N GLY C 117 4.82 21.04 23.24
CA GLY C 117 4.12 21.99 24.08
C GLY C 117 3.50 21.28 25.27
N ALA C 118 2.96 22.10 26.16
CA ALA C 118 2.32 21.64 27.40
C ALA C 118 0.94 21.07 27.12
N SER C 119 0.66 19.91 27.72
CA SER C 119 -0.56 19.19 27.38
C SER C 119 -1.81 19.97 27.77
N GLN C 120 -1.77 20.68 28.91
CA GLN C 120 -2.90 21.51 29.30
C GLN C 120 -3.13 22.65 28.32
N ASP C 121 -2.13 23.03 27.55
CA ASP C 121 -2.30 24.05 26.53
C ASP C 121 -2.70 23.47 25.18
N LEU C 122 -2.28 22.24 24.86
CA LEU C 122 -2.56 21.65 23.55
C LEU C 122 -3.90 20.93 23.50
N ILE C 123 -4.35 20.39 24.64
CA ILE C 123 -5.61 19.63 24.66
C ILE C 123 -6.78 20.46 24.18
N PRO C 124 -6.94 21.74 24.56
CA PRO C 124 -8.09 22.50 24.06
C PRO C 124 -8.07 22.79 22.57
N GLN C 125 -6.96 22.56 21.88
CA GLN C 125 -6.87 22.86 20.45
C GLN C 125 -7.01 21.62 19.59
N LEU C 126 -7.15 20.44 20.18
CA LEU C 126 -7.24 19.23 19.35
C LEU C 126 -8.41 19.31 18.39
N LYS C 127 -9.54 19.82 18.86
CA LYS C 127 -10.75 19.82 18.04
C LYS C 127 -10.61 20.81 16.90
N LYS C 128 -10.17 22.03 17.19
CA LYS C 128 -10.11 23.06 16.15
C LYS C 128 -8.87 22.91 15.28
N LYS C 129 -7.75 22.48 15.84
CA LYS C 129 -6.50 22.52 15.09
C LYS C 129 -6.18 21.21 14.39
N TYR C 130 -6.56 20.06 14.95
CA TYR C 130 -6.21 18.77 14.36
C TYR C 130 -7.41 17.95 13.94
N ASP C 131 -8.61 18.55 13.88
CA ASP C 131 -9.83 17.85 13.50
C ASP C 131 -10.02 16.57 14.33
N VAL C 132 -9.69 16.64 15.61
CA VAL C 132 -9.93 15.54 16.52
C VAL C 132 -11.36 15.66 17.04
N ASP C 133 -12.14 14.60 16.87
CA ASP C 133 -13.50 14.58 17.42
C ASP C 133 -13.48 13.95 18.81
N THR C 134 -13.23 12.66 18.88
CA THR C 134 -13.02 11.98 20.13
C THR C 134 -11.75 11.16 20.05
N LEU C 135 -11.24 10.78 21.23
CA LEU C 135 -10.13 9.87 21.36
C LEU C 135 -10.68 8.48 21.62
N ASP C 136 -10.02 7.48 21.05
CA ASP C 136 -10.32 6.09 21.39
C ASP C 136 -9.47 5.61 22.55
N MET C 137 -8.33 6.27 22.81
CA MET C 137 -7.42 5.86 23.87
C MET C 137 -6.54 7.03 24.24
N VAL C 138 -6.28 7.17 25.53
CA VAL C 138 -5.33 8.12 26.09
C VAL C 138 -4.32 7.33 26.90
N PHE C 139 -3.04 7.65 26.73
CA PHE C 139 -1.97 7.05 27.52
C PHE C 139 -1.28 8.17 28.29
N LEU C 140 -1.38 8.10 29.63
CA LEU C 140 -0.83 9.14 30.49
C LEU C 140 0.53 8.69 31.00
N ASP C 141 1.57 9.45 30.64
CA ASP C 141 2.93 9.11 31.03
C ASP C 141 3.79 10.36 31.19
N HIS C 142 3.18 11.52 31.33
CA HIS C 142 3.92 12.76 31.52
C HIS C 142 4.05 13.05 33.02
N TRP C 143 4.03 14.31 33.38
CA TRP C 143 4.33 14.71 34.74
C TRP C 143 3.19 14.31 35.67
N LYS C 144 3.52 13.51 36.70
CA LYS C 144 2.51 12.89 37.55
C LYS C 144 1.49 13.90 38.09
N ASP C 145 1.92 15.14 38.33
CA ASP C 145 0.99 16.16 38.81
C ASP C 145 -0.05 16.58 37.79
N ARG C 146 0.13 16.19 36.53
CA ARG C 146 -0.75 16.60 35.45
C ARG C 146 -1.81 15.57 35.12
N TYR C 147 -1.74 14.38 35.71
CA TYR C 147 -2.66 13.31 35.32
C TYR C 147 -4.11 13.72 35.59
N LEU C 148 -4.43 14.03 36.85
CA LEU C 148 -5.78 14.48 37.20
C LEU C 148 -6.22 15.70 36.41
N PRO C 149 -5.55 16.86 36.50
CA PRO C 149 -6.07 18.05 35.80
C PRO C 149 -6.14 17.92 34.29
N ASP C 150 -5.43 16.96 33.69
CA ASP C 150 -5.56 16.80 32.24
C ASP C 150 -6.73 15.90 31.90
N THR C 151 -6.97 14.86 32.72
CA THR C 151 -8.19 14.07 32.56
C THR C 151 -9.43 14.97 32.62
N LEU C 152 -9.42 15.97 33.49
CA LEU C 152 -10.55 16.90 33.56
C LEU C 152 -10.65 17.75 32.29
N LEU C 153 -9.50 18.18 31.76
CA LEU C 153 -9.51 18.95 30.51
C LEU C 153 -10.06 18.12 29.38
N LEU C 154 -9.69 16.84 29.34
CA LEU C 154 -10.13 15.97 28.25
C LEU C 154 -11.64 15.83 28.27
N GLU C 155 -12.23 15.80 29.47
CA GLU C 155 -13.68 15.75 29.63
C GLU C 155 -14.33 17.10 29.32
N LYS C 156 -13.73 18.20 29.77
CA LYS C 156 -14.24 19.53 29.45
C LYS C 156 -14.29 19.75 27.94
N CYS C 157 -13.25 19.29 27.24
CA CYS C 157 -13.18 19.49 25.81
C CYS C 157 -13.96 18.44 25.04
N GLY C 158 -14.63 17.54 25.74
CA GLY C 158 -15.43 16.53 25.06
C GLY C 158 -14.60 15.64 24.15
N LEU C 159 -13.40 15.30 24.58
CA LEU C 159 -12.55 14.41 23.82
C LEU C 159 -12.72 12.95 24.21
N LEU C 160 -13.42 12.68 25.30
CA LEU C 160 -13.64 11.33 25.78
C LEU C 160 -15.04 10.86 25.42
N ARG C 161 -15.16 9.60 25.06
CA ARG C 161 -16.47 9.04 24.76
C ARG C 161 -16.65 7.71 25.49
N LYS C 162 -17.89 7.26 25.57
CA LYS C 162 -18.17 5.99 26.23
C LYS C 162 -17.35 4.89 25.56
N GLY C 163 -16.43 4.30 26.32
CA GLY C 163 -15.52 3.29 25.81
C GLY C 163 -14.11 3.78 25.54
N THR C 164 -13.86 5.08 25.66
CA THR C 164 -12.50 5.59 25.54
C THR C 164 -11.67 5.06 26.71
N VAL C 165 -10.50 4.52 26.40
CA VAL C 165 -9.64 3.86 27.37
C VAL C 165 -8.54 4.81 27.79
N LEU C 166 -8.51 5.18 29.07
CA LEU C 166 -7.33 5.82 29.66
C LEU C 166 -6.40 4.75 30.20
N LEU C 167 -5.13 4.82 29.83
CA LEU C 167 -4.13 3.94 30.41
C LEU C 167 -3.07 4.84 31.01
N ALA C 168 -2.91 4.76 32.33
CA ALA C 168 -1.96 5.58 33.06
C ALA C 168 -0.81 4.71 33.55
N ASP C 169 0.42 5.15 33.28
CA ASP C 169 1.66 4.50 33.72
C ASP C 169 2.19 5.15 35.01
N ASN C 170 2.97 4.36 35.75
CA ASN C 170 3.71 4.82 36.93
C ASN C 170 2.78 5.39 38.00
N VAL C 171 1.63 4.74 38.19
CA VAL C 171 0.65 5.30 39.13
C VAL C 171 1.00 5.04 40.57
N ILE C 172 1.94 4.14 40.85
CA ILE C 172 2.44 3.90 42.22
C ILE C 172 3.81 4.54 42.42
N VAL C 173 4.74 4.31 41.50
CA VAL C 173 6.08 4.88 41.56
C VAL C 173 6.35 5.67 40.28
N PRO C 174 6.58 6.99 40.36
CA PRO C 174 6.57 7.81 41.57
C PRO C 174 5.17 8.00 42.18
N GLY C 175 4.12 7.63 41.47
CA GLY C 175 2.78 7.65 42.01
C GLY C 175 1.90 8.83 41.58
N THR C 176 0.63 8.54 41.30
CA THR C 176 -0.38 9.55 40.99
C THR C 176 -1.62 9.26 41.83
N PRO C 177 -1.50 9.38 43.16
CA PRO C 177 -2.64 9.03 44.05
C PRO C 177 -3.93 9.78 43.76
N ASP C 178 -3.83 11.07 43.39
CA ASP C 178 -5.04 11.86 43.24
C ASP C 178 -5.81 11.47 41.98
N PHE C 179 -5.08 11.16 40.91
CA PHE C 179 -5.68 10.55 39.74
C PHE C 179 -6.41 9.26 40.11
N LEU C 180 -5.73 8.40 40.87
CA LEU C 180 -6.32 7.14 41.26
C LEU C 180 -7.59 7.37 42.07
N ALA C 181 -7.59 8.36 42.94
CA ALA C 181 -8.78 8.64 43.74
C ALA C 181 -9.92 9.09 42.84
N TYR C 182 -9.60 9.92 41.85
CA TYR C 182 -10.64 10.46 40.98
C TYR C 182 -11.31 9.37 40.16
N VAL C 183 -10.53 8.62 39.36
CA VAL C 183 -11.15 7.66 38.45
C VAL C 183 -11.76 6.48 39.21
N ARG C 184 -11.16 6.07 40.33
CA ARG C 184 -11.74 4.98 41.09
C ARG C 184 -13.04 5.40 41.77
N GLY C 185 -13.11 6.65 42.24
CA GLY C 185 -14.28 7.13 42.94
C GLY C 185 -15.41 7.58 42.03
N SER C 186 -15.11 7.84 40.76
CA SER C 186 -16.11 8.38 39.86
C SER C 186 -16.84 7.25 39.14
N SER C 187 -18.14 7.47 38.96
CA SER C 187 -18.99 6.57 38.18
C SER C 187 -18.75 6.69 36.69
N SER C 188 -18.10 7.78 36.24
CA SER C 188 -17.74 7.96 34.84
C SER C 188 -16.64 7.04 34.35
N PHE C 189 -15.95 6.31 35.24
CA PHE C 189 -14.80 5.47 34.88
C PHE C 189 -14.92 4.11 35.53
N GLU C 190 -14.66 3.07 34.76
CA GLU C 190 -14.54 1.72 35.29
C GLU C 190 -13.07 1.31 35.26
N CYS C 191 -12.51 1.05 36.44
CA CYS C 191 -11.06 1.00 36.59
C CYS C 191 -10.56 -0.42 36.79
N THR C 192 -9.32 -0.62 36.34
CA THR C 192 -8.58 -1.86 36.51
C THR C 192 -7.14 -1.53 36.85
N HIS C 193 -6.60 -2.13 37.90
CA HIS C 193 -5.20 -1.93 38.25
C HIS C 193 -4.39 -3.10 37.74
N TYR C 194 -3.26 -2.81 37.11
CA TYR C 194 -2.27 -3.80 36.71
C TYR C 194 -1.04 -3.59 37.57
N SER C 195 -0.71 -4.59 38.37
CA SER C 195 0.45 -4.52 39.24
C SER C 195 1.69 -5.02 38.53
N SER C 196 2.83 -4.40 38.82
CA SER C 196 4.05 -4.68 38.08
C SER C 196 5.24 -4.50 39.01
N TYR C 197 5.87 -5.61 39.38
CA TYR C 197 7.02 -5.61 40.28
C TYR C 197 8.28 -5.26 39.48
N LEU C 198 8.85 -4.09 39.74
CA LEU C 198 10.16 -3.72 39.18
C LEU C 198 11.21 -4.56 39.89
N GLU C 199 11.66 -5.64 39.25
CA GLU C 199 12.45 -6.63 39.95
C GLU C 199 13.85 -6.09 40.31
N TYR C 200 14.39 -5.20 39.49
CA TYR C 200 15.69 -4.62 39.75
C TYR C 200 15.66 -3.55 40.82
N MET C 201 14.48 -3.07 41.22
CA MET C 201 14.35 -2.14 42.33
C MET C 201 13.72 -2.76 43.56
N LYS C 202 13.13 -3.95 43.44
CA LYS C 202 12.42 -4.63 44.54
C LYS C 202 11.24 -3.77 45.04
N VAL C 203 10.57 -3.10 44.11
CA VAL C 203 9.49 -2.18 44.41
C VAL C 203 8.30 -2.50 43.52
N VAL C 204 7.09 -2.32 44.05
CA VAL C 204 5.85 -2.49 43.28
C VAL C 204 5.46 -1.18 42.60
N ASP C 205 5.19 -1.25 41.29
CA ASP C 205 4.60 -0.16 40.53
C ASP C 205 3.30 -0.66 39.89
N GLY C 206 2.66 0.18 39.10
CA GLY C 206 1.43 -0.27 38.49
C GLY C 206 0.96 0.67 37.40
N LEU C 207 0.03 0.14 36.59
CA LEU C 207 -0.73 0.92 35.64
C LEU C 207 -2.22 0.86 35.97
N GLU C 208 -2.93 1.92 35.64
CA GLU C 208 -4.37 1.98 35.80
C GLU C 208 -5.04 2.07 34.44
N LYS C 209 -5.99 1.16 34.18
CA LYS C 209 -6.87 1.26 33.04
C LYS C 209 -8.22 1.80 33.50
N ALA C 210 -8.75 2.77 32.77
CA ALA C 210 -10.00 3.41 33.15
C ALA C 210 -10.78 3.66 31.88
N ILE C 211 -11.87 2.92 31.69
CA ILE C 211 -12.76 3.12 30.56
C ILE C 211 -13.79 4.16 30.93
N TYR C 212 -13.80 5.26 30.19
CA TYR C 212 -14.82 6.28 30.39
C TYR C 212 -16.22 5.72 30.07
N GLN C 213 -17.20 6.12 30.87
CA GLN C 213 -18.58 5.66 30.72
C GLN C 213 -19.51 6.70 30.15
N GLY C 214 -19.04 7.92 29.93
CA GLY C 214 -19.91 9.03 29.63
C GLY C 214 -20.37 9.71 30.90
N PRO C 215 -20.93 10.92 30.79
CA PRO C 215 -21.54 11.57 31.97
C PRO C 215 -22.98 11.12 32.22
N ASP D 3 4.38 -5.05 -19.02
CA ASP D 3 5.15 -3.83 -19.21
C ASP D 3 4.28 -2.72 -19.83
N THR D 4 3.70 -1.87 -18.97
CA THR D 4 2.53 -1.07 -19.31
C THR D 4 2.89 0.14 -20.18
N LYS D 5 1.84 0.89 -20.56
CA LYS D 5 1.99 2.08 -21.40
C LYS D 5 2.68 3.20 -20.64
N GLU D 6 2.25 3.45 -19.39
CA GLU D 6 2.88 4.48 -18.57
C GLU D 6 4.30 4.10 -18.21
N GLN D 7 4.57 2.81 -18.02
CA GLN D 7 5.95 2.35 -17.93
C GLN D 7 6.74 2.81 -19.16
N ARG D 8 6.14 2.68 -20.36
CA ARG D 8 6.83 3.01 -21.60
C ARG D 8 6.99 4.51 -21.81
N ILE D 9 6.07 5.31 -21.28
CA ILE D 9 6.22 6.76 -21.36
C ILE D 9 7.37 7.23 -20.46
N LEU D 10 7.47 6.64 -19.27
CA LEU D 10 8.58 6.94 -18.38
C LEU D 10 9.91 6.63 -19.07
N ARG D 11 10.01 5.44 -19.68
CA ARG D 11 11.26 5.05 -20.31
C ARG D 11 11.67 6.06 -21.37
N TYR D 12 10.73 6.45 -22.23
CA TYR D 12 11.05 7.38 -23.31
C TYR D 12 11.50 8.72 -22.77
N VAL D 13 10.87 9.19 -21.69
CA VAL D 13 11.26 10.47 -21.11
C VAL D 13 12.69 10.39 -20.58
N GLN D 14 13.00 9.32 -19.85
CA GLN D 14 14.33 9.13 -19.30
C GLN D 14 15.41 9.13 -20.38
N GLN D 15 15.04 8.86 -21.64
CA GLN D 15 16.00 8.74 -22.72
C GLN D 15 15.95 9.89 -23.72
N ASN D 16 14.97 10.78 -23.63
CA ASN D 16 14.81 11.79 -24.66
C ASN D 16 14.57 13.19 -24.14
N ALA D 17 14.36 13.39 -22.85
CA ALA D 17 14.13 14.71 -22.30
C ALA D 17 15.34 15.16 -21.51
N LYS D 18 15.52 16.48 -21.45
CA LYS D 18 16.62 17.08 -20.71
C LYS D 18 16.33 17.01 -19.20
N PRO D 19 17.20 16.39 -18.40
CA PRO D 19 16.92 16.30 -16.96
C PRO D 19 16.86 17.66 -16.30
N GLY D 20 16.03 17.76 -15.25
CA GLY D 20 15.79 19.02 -14.55
C GLY D 20 15.10 20.10 -15.38
N ASP D 21 14.52 19.74 -16.52
CA ASP D 21 13.78 20.67 -17.38
C ASP D 21 12.32 20.26 -17.42
N PRO D 22 11.45 20.87 -16.60
CA PRO D 22 10.02 20.49 -16.66
C PRO D 22 9.44 20.53 -18.07
N GLN D 23 9.85 21.51 -18.88
CA GLN D 23 9.24 21.67 -20.20
C GLN D 23 9.56 20.50 -21.12
N SER D 24 10.82 20.07 -21.16
CA SER D 24 11.17 18.99 -22.09
C SER D 24 10.60 17.66 -21.63
N VAL D 25 10.35 17.49 -20.33
CA VAL D 25 9.60 16.32 -19.85
C VAL D 25 8.18 16.33 -20.41
N LEU D 26 7.50 17.47 -20.30
CA LEU D 26 6.13 17.57 -20.82
C LEU D 26 6.10 17.39 -22.34
N GLU D 27 7.03 18.03 -23.06
CA GLU D 27 7.11 17.89 -24.50
C GLU D 27 7.45 16.46 -24.91
N ALA D 28 8.27 15.76 -24.12
CA ALA D 28 8.56 14.36 -24.44
C ALA D 28 7.30 13.51 -24.30
N ILE D 29 6.54 13.74 -23.23
CA ILE D 29 5.31 12.99 -23.02
C ILE D 29 4.34 13.23 -24.16
N ASP D 30 4.19 14.51 -24.56
CA ASP D 30 3.31 14.85 -25.66
C ASP D 30 3.82 14.29 -26.98
N THR D 31 5.14 14.31 -27.19
CA THR D 31 5.71 13.73 -28.41
C THR D 31 5.43 12.24 -28.47
N TYR D 32 5.76 11.52 -27.39
CA TYR D 32 5.64 10.06 -27.41
C TYR D 32 4.21 9.61 -27.63
N CYS D 33 3.24 10.29 -27.00
CA CYS D 33 1.84 9.90 -27.19
C CYS D 33 1.34 10.27 -28.58
N THR D 34 1.97 11.25 -29.23
CA THR D 34 1.57 11.61 -30.59
C THR D 34 2.06 10.56 -31.58
N GLN D 35 3.33 10.16 -31.46
CA GLN D 35 3.90 9.17 -32.37
C GLN D 35 3.23 7.81 -32.22
N LYS D 36 2.84 7.45 -31.00
CA LYS D 36 2.11 6.22 -30.75
C LYS D 36 0.60 6.38 -30.93
N GLU D 37 0.12 7.59 -31.20
CA GLU D 37 -1.31 7.93 -31.32
C GLU D 37 -2.14 7.31 -30.18
N TRP D 38 -1.57 7.32 -28.98
CA TRP D 38 -2.27 6.82 -27.82
C TRP D 38 -3.34 7.81 -27.35
N ALA D 39 -4.33 7.28 -26.66
CA ALA D 39 -5.46 8.08 -26.23
C ALA D 39 -5.22 8.76 -24.89
N MET D 40 -3.96 8.98 -24.52
CA MET D 40 -3.65 9.37 -23.15
C MET D 40 -4.05 10.82 -22.89
N ASN D 41 -4.65 11.04 -21.71
CA ASN D 41 -5.20 12.33 -21.31
C ASN D 41 -4.11 13.34 -21.01
N VAL D 42 -3.33 13.66 -22.04
CA VAL D 42 -2.29 14.68 -21.98
C VAL D 42 -2.51 15.60 -23.16
N GLY D 43 -2.01 16.82 -23.05
CA GLY D 43 -2.12 17.72 -24.19
C GLY D 43 -2.21 19.16 -23.75
N ASP D 44 -2.14 20.04 -24.75
CA ASP D 44 -2.03 21.47 -24.50
C ASP D 44 -3.36 22.11 -24.14
N ALA D 45 -4.44 21.77 -24.87
CA ALA D 45 -5.75 22.34 -24.59
C ALA D 45 -6.10 22.24 -23.10
N LYS D 46 -5.90 21.06 -22.48
CA LYS D 46 -6.14 20.93 -21.05
C LYS D 46 -5.04 21.63 -20.26
N GLY D 47 -3.77 21.39 -20.65
CA GLY D 47 -2.66 21.94 -19.91
C GLY D 47 -2.65 23.46 -19.85
N GLN D 48 -3.14 24.11 -20.91
CA GLN D 48 -3.22 25.56 -20.90
C GLN D 48 -4.26 26.07 -19.90
N ILE D 49 -5.33 25.32 -19.67
CA ILE D 49 -6.29 25.74 -18.66
C ILE D 49 -5.75 25.49 -17.25
N MET D 50 -5.03 24.38 -17.04
CA MET D 50 -4.35 24.16 -15.77
C MET D 50 -3.39 25.29 -15.46
N ASP D 51 -2.57 25.65 -16.46
CA ASP D 51 -1.57 26.71 -16.27
C ASP D 51 -2.23 28.00 -15.82
N ALA D 52 -3.31 28.41 -16.50
CA ALA D 52 -3.89 29.73 -16.22
C ALA D 52 -4.54 29.78 -14.84
N VAL D 53 -5.09 28.67 -14.37
CA VAL D 53 -5.65 28.62 -13.02
C VAL D 53 -4.55 28.77 -11.96
N ILE D 54 -3.39 28.15 -12.18
CA ILE D 54 -2.29 28.32 -11.24
C ILE D 54 -1.78 29.76 -11.29
N ARG D 55 -1.53 30.28 -12.50
CA ARG D 55 -1.01 31.63 -12.65
C ARG D 55 -1.95 32.68 -12.08
N GLU D 56 -3.25 32.40 -12.04
CA GLU D 56 -4.21 33.35 -11.49
C GLU D 56 -4.21 33.32 -9.97
N TYR D 57 -4.32 32.12 -9.37
CA TYR D 57 -4.58 31.97 -7.93
C TYR D 57 -3.32 31.73 -7.10
N SER D 58 -2.17 31.49 -7.74
CA SER D 58 -0.88 31.28 -7.08
C SER D 58 -0.99 30.48 -5.77
N PRO D 59 -1.51 29.26 -5.84
CA PRO D 59 -1.73 28.49 -4.59
C PRO D 59 -0.43 28.09 -3.92
N SER D 60 -0.44 28.09 -2.59
CA SER D 60 0.66 27.63 -1.76
C SER D 60 0.51 26.20 -1.25
N LEU D 61 -0.73 25.70 -1.23
CA LEU D 61 -1.02 24.33 -0.85
C LEU D 61 -1.97 23.78 -1.91
N VAL D 62 -1.50 22.80 -2.68
CA VAL D 62 -2.27 22.17 -3.73
C VAL D 62 -2.43 20.69 -3.42
N LEU D 63 -3.65 20.20 -3.56
CA LEU D 63 -3.97 18.80 -3.40
C LEU D 63 -4.42 18.24 -4.74
N GLU D 64 -3.68 17.26 -5.25
CA GLU D 64 -3.97 16.62 -6.52
C GLU D 64 -4.51 15.23 -6.24
N LEU D 65 -5.75 14.99 -6.67
CA LEU D 65 -6.38 13.69 -6.61
C LEU D 65 -6.18 13.00 -7.95
N GLY D 66 -5.31 11.99 -7.98
CA GLY D 66 -5.15 11.23 -9.20
C GLY D 66 -3.84 11.60 -9.87
N ALA D 67 -3.11 10.57 -10.28
CA ALA D 67 -1.83 10.70 -10.95
C ALA D 67 -1.73 9.54 -11.92
N TYR D 68 -1.43 9.81 -13.17
CA TYR D 68 -1.36 8.75 -14.15
C TYR D 68 0.10 8.44 -14.49
N CYS D 69 0.78 9.33 -15.18
CA CYS D 69 2.20 9.18 -15.42
C CYS D 69 3.00 10.37 -14.92
N GLY D 70 2.35 11.33 -14.28
CA GLY D 70 3.03 12.51 -13.77
C GLY D 70 2.89 13.76 -14.61
N TYR D 71 2.22 13.67 -15.77
CA TYR D 71 2.05 14.83 -16.63
C TYR D 71 1.45 16.00 -15.86
N SER D 72 0.31 15.78 -15.22
CA SER D 72 -0.37 16.87 -14.53
C SER D 72 0.43 17.35 -13.34
N ALA D 73 1.10 16.42 -12.63
CA ALA D 73 1.94 16.80 -11.50
C ALA D 73 3.09 17.67 -11.95
N VAL D 74 3.81 17.23 -12.98
CA VAL D 74 4.89 18.04 -13.56
C VAL D 74 4.34 19.36 -14.04
N ARG D 75 3.22 19.30 -14.78
CA ARG D 75 2.59 20.49 -15.32
C ARG D 75 2.31 21.51 -14.22
N MET D 76 1.78 21.06 -13.09
CA MET D 76 1.44 21.99 -12.02
C MET D 76 2.67 22.42 -11.24
N ALA D 77 3.54 21.47 -10.88
CA ALA D 77 4.62 21.78 -9.95
C ALA D 77 5.62 22.76 -10.53
N ARG D 78 5.75 22.81 -11.86
CA ARG D 78 6.72 23.71 -12.46
C ARG D 78 6.29 25.17 -12.36
N LEU D 79 5.04 25.44 -12.01
CA LEU D 79 4.52 26.80 -11.85
C LEU D 79 4.33 27.20 -10.39
N LEU D 80 4.67 26.34 -9.44
CA LEU D 80 4.53 26.68 -8.03
C LEU D 80 5.62 27.64 -7.59
N GLN D 81 5.21 28.65 -6.83
CA GLN D 81 6.15 29.56 -6.18
C GLN D 81 7.03 28.81 -5.19
N PRO D 82 8.22 29.35 -4.91
CA PRO D 82 9.00 28.80 -3.79
C PRO D 82 8.20 28.84 -2.50
N GLY D 83 8.32 27.78 -1.71
CA GLY D 83 7.53 27.60 -0.53
C GLY D 83 6.22 26.87 -0.75
N ALA D 84 5.74 26.82 -1.98
CA ALA D 84 4.51 26.12 -2.25
C ALA D 84 4.77 24.62 -2.41
N ARG D 85 3.74 23.82 -2.10
CA ARG D 85 3.85 22.38 -1.97
C ARG D 85 2.64 21.71 -2.62
N LEU D 86 2.89 20.65 -3.38
CA LEU D 86 1.85 19.86 -4.03
C LEU D 86 1.78 18.49 -3.36
N LEU D 87 0.58 18.11 -2.91
CA LEU D 87 0.32 16.79 -2.36
C LEU D 87 -0.52 15.99 -3.36
N THR D 88 -0.01 14.84 -3.80
CA THR D 88 -0.67 14.01 -4.80
C THR D 88 -1.11 12.70 -4.18
N MET D 89 -2.40 12.40 -4.27
CA MET D 89 -2.91 11.10 -3.87
C MET D 89 -3.18 10.26 -5.10
N GLU D 90 -2.70 9.02 -5.06
CA GLU D 90 -2.88 8.08 -6.17
C GLU D 90 -3.03 6.67 -5.61
N ILE D 91 -4.16 6.04 -5.91
CA ILE D 91 -4.48 4.73 -5.34
C ILE D 91 -3.65 3.62 -5.95
N ASN D 92 -3.27 3.74 -7.23
CA ASN D 92 -2.51 2.68 -7.91
C ASN D 92 -1.02 2.80 -7.58
N PRO D 93 -0.40 1.76 -7.02
CA PRO D 93 1.04 1.84 -6.69
C PRO D 93 1.93 2.11 -7.90
N ASP D 94 1.60 1.50 -9.05
CA ASP D 94 2.44 1.63 -10.23
C ASP D 94 2.41 3.05 -10.77
N CYS D 95 1.24 3.68 -10.81
CA CYS D 95 1.14 5.07 -11.23
C CYS D 95 1.81 6.00 -10.24
N ALA D 96 1.79 5.64 -8.96
CA ALA D 96 2.45 6.45 -7.94
C ALA D 96 3.97 6.37 -8.11
N ALA D 97 4.49 5.16 -8.33
CA ALA D 97 5.90 4.98 -8.63
C ALA D 97 6.31 5.78 -9.85
N ILE D 98 5.54 5.66 -10.93
CA ILE D 98 5.90 6.33 -12.19
C ILE D 98 5.88 7.85 -12.01
N THR D 99 4.86 8.36 -11.34
CA THR D 99 4.76 9.79 -11.12
C THR D 99 5.93 10.29 -10.25
N GLN D 100 6.37 9.47 -9.29
CA GLN D 100 7.55 9.83 -8.51
C GLN D 100 8.77 9.98 -9.40
N GLN D 101 9.05 8.97 -10.22
CA GLN D 101 10.26 9.00 -11.04
C GLN D 101 10.16 10.07 -12.11
N MET D 102 8.94 10.36 -12.57
CA MET D 102 8.75 11.43 -13.54
C MET D 102 9.03 12.80 -12.92
N LEU D 103 8.79 12.97 -11.61
CA LEU D 103 9.12 14.24 -10.98
C LEU D 103 10.61 14.32 -10.64
N ASN D 104 11.22 13.20 -10.25
CA ASN D 104 12.66 13.17 -10.05
C ASN D 104 13.37 13.71 -11.27
N PHE D 105 12.98 13.24 -12.44
CA PHE D 105 13.67 13.57 -13.67
C PHE D 105 13.44 15.03 -14.07
N ALA D 106 12.34 15.65 -13.65
CA ALA D 106 12.09 17.06 -13.94
C ALA D 106 12.71 18.03 -12.94
N GLY D 107 13.19 17.54 -11.79
CA GLY D 107 13.71 18.41 -10.75
C GLY D 107 12.70 18.95 -9.77
N LEU D 108 11.51 18.35 -9.70
CA LEU D 108 10.40 18.87 -8.90
C LEU D 108 10.10 18.03 -7.68
N GLN D 109 10.97 17.09 -7.32
CA GLN D 109 10.64 16.13 -6.27
C GLN D 109 10.55 16.79 -4.90
N ASP D 110 11.22 17.91 -4.70
CA ASP D 110 11.22 18.56 -3.41
C ASP D 110 10.00 19.45 -3.20
N LYS D 111 9.28 19.79 -4.27
CA LYS D 111 8.00 20.50 -4.19
C LYS D 111 6.82 19.56 -4.03
N VAL D 112 7.01 18.25 -4.07
CA VAL D 112 5.91 17.33 -4.26
C VAL D 112 6.02 16.17 -3.27
N THR D 113 4.86 15.71 -2.82
CA THR D 113 4.75 14.52 -1.99
C THR D 113 3.67 13.62 -2.58
N ILE D 114 3.96 12.35 -2.65
CA ILE D 114 3.07 11.40 -3.27
C ILE D 114 2.65 10.37 -2.23
N LEU D 115 1.37 10.34 -1.94
CA LEU D 115 0.78 9.34 -1.08
C LEU D 115 0.15 8.27 -1.95
N ASN D 116 0.45 7.01 -1.68
CA ASN D 116 -0.16 5.90 -2.40
C ASN D 116 -1.29 5.33 -1.54
N GLY D 117 -2.50 5.85 -1.74
CA GLY D 117 -3.65 5.35 -1.00
C GLY D 117 -4.93 5.87 -1.62
N ALA D 118 -6.04 5.46 -1.00
CA ALA D 118 -7.35 5.91 -1.45
C ALA D 118 -7.65 7.30 -0.90
N SER D 119 -8.13 8.19 -1.78
CA SER D 119 -8.30 9.59 -1.40
C SER D 119 -9.28 9.74 -0.25
N GLN D 120 -10.32 8.90 -0.21
CA GLN D 120 -11.32 9.03 0.85
C GLN D 120 -10.83 8.47 2.17
N ASP D 121 -9.68 7.79 2.18
CA ASP D 121 -9.04 7.38 3.41
C ASP D 121 -8.02 8.41 3.88
N LEU D 122 -7.40 9.13 2.95
CA LEU D 122 -6.27 10.02 3.24
C LEU D 122 -6.73 11.44 3.54
N ILE D 123 -7.76 11.92 2.82
CA ILE D 123 -8.27 13.27 3.07
C ILE D 123 -8.58 13.52 4.53
N PRO D 124 -9.28 12.63 5.27
CA PRO D 124 -9.56 12.91 6.69
C PRO D 124 -8.32 12.93 7.59
N GLN D 125 -7.24 12.28 7.20
CA GLN D 125 -6.05 12.28 8.04
C GLN D 125 -5.14 13.47 7.81
N LEU D 126 -5.43 14.33 6.84
CA LEU D 126 -4.48 15.38 6.45
C LEU D 126 -4.19 16.35 7.58
N LYS D 127 -5.18 16.73 8.37
CA LYS D 127 -4.96 17.81 9.32
C LYS D 127 -4.11 17.34 10.50
N LYS D 128 -4.34 16.13 11.00
CA LYS D 128 -3.51 15.60 12.07
C LYS D 128 -2.31 14.84 11.56
N LYS D 129 -1.93 15.05 10.31
CA LYS D 129 -0.68 14.57 9.76
C LYS D 129 0.24 15.69 9.31
N TYR D 130 -0.30 16.78 8.73
CA TYR D 130 0.51 17.78 8.05
C TYR D 130 0.50 19.18 8.62
N ASP D 131 -0.36 19.50 9.59
CA ASP D 131 -0.49 20.89 10.07
C ASP D 131 -0.94 21.79 8.92
N VAL D 132 -2.18 21.54 8.52
CA VAL D 132 -2.85 22.25 7.45
C VAL D 132 -4.14 22.81 8.00
N ASP D 133 -4.46 24.03 7.59
CA ASP D 133 -5.76 24.59 7.90
C ASP D 133 -6.71 24.42 6.73
N THR D 134 -6.38 25.02 5.60
CA THR D 134 -7.21 24.97 4.41
C THR D 134 -6.33 24.84 3.18
N LEU D 135 -6.84 24.16 2.16
CA LEU D 135 -6.13 24.06 0.90
C LEU D 135 -6.41 25.29 0.04
N ASP D 136 -5.42 25.67 -0.76
CA ASP D 136 -5.62 26.79 -1.68
C ASP D 136 -6.19 26.33 -3.01
N MET D 137 -5.82 25.13 -3.45
CA MET D 137 -6.28 24.59 -4.71
C MET D 137 -6.44 23.08 -4.58
N VAL D 138 -7.48 22.53 -5.22
CA VAL D 138 -7.69 21.10 -5.38
C VAL D 138 -7.90 20.80 -6.86
N PHE D 139 -7.09 19.89 -7.40
CA PHE D 139 -7.20 19.39 -8.76
C PHE D 139 -7.71 17.95 -8.70
N LEU D 140 -8.86 17.68 -9.31
CA LEU D 140 -9.51 16.36 -9.29
C LEU D 140 -9.36 15.71 -10.66
N ASP D 141 -8.70 14.55 -10.71
CA ASP D 141 -8.57 13.82 -11.96
C ASP D 141 -8.41 12.33 -11.67
N HIS D 142 -9.15 11.82 -10.69
CA HIS D 142 -9.05 10.43 -10.29
C HIS D 142 -10.36 9.73 -10.68
N TRP D 143 -10.80 8.75 -9.88
CA TRP D 143 -11.94 7.96 -10.27
C TRP D 143 -13.17 8.84 -10.39
N LYS D 144 -13.86 8.73 -11.54
CA LYS D 144 -14.95 9.66 -11.80
C LYS D 144 -16.01 9.61 -10.70
N ASP D 145 -16.25 8.43 -10.09
CA ASP D 145 -17.30 8.33 -9.07
C ASP D 145 -16.84 8.83 -7.71
N ARG D 146 -15.59 9.27 -7.59
CA ARG D 146 -15.09 9.86 -6.37
C ARG D 146 -15.13 11.39 -6.37
N TYR D 147 -15.36 12.05 -7.52
CA TYR D 147 -15.34 13.51 -7.56
C TYR D 147 -16.34 14.12 -6.59
N LEU D 148 -17.59 13.63 -6.61
CA LEU D 148 -18.59 14.23 -5.72
C LEU D 148 -18.31 13.84 -4.27
N PRO D 149 -18.25 12.55 -3.90
CA PRO D 149 -17.99 12.23 -2.49
C PRO D 149 -16.69 12.80 -1.93
N ASP D 150 -15.65 12.97 -2.76
CA ASP D 150 -14.45 13.60 -2.21
C ASP D 150 -14.61 15.11 -2.06
N THR D 151 -15.38 15.76 -2.93
CA THR D 151 -15.70 17.17 -2.68
C THR D 151 -16.46 17.32 -1.36
N LEU D 152 -17.51 16.51 -1.17
CA LEU D 152 -18.27 16.58 0.08
C LEU D 152 -17.38 16.32 1.27
N LEU D 153 -16.45 15.37 1.11
CA LEU D 153 -15.51 15.03 2.16
C LEU D 153 -14.59 16.20 2.51
N LEU D 154 -14.08 16.90 1.49
CA LEU D 154 -13.28 18.10 1.75
C LEU D 154 -14.07 19.15 2.53
N GLU D 155 -15.36 19.29 2.25
CA GLU D 155 -16.21 20.21 3.04
C GLU D 155 -16.37 19.72 4.47
N LYS D 156 -16.60 18.42 4.66
CA LYS D 156 -16.79 17.87 5.99
C LYS D 156 -15.51 17.89 6.82
N CYS D 157 -14.35 18.02 6.18
CA CYS D 157 -13.07 18.04 6.86
C CYS D 157 -12.55 19.46 7.08
N GLY D 158 -13.32 20.47 6.66
CA GLY D 158 -12.89 21.85 6.80
C GLY D 158 -11.63 22.20 6.05
N LEU D 159 -11.39 21.59 4.89
CA LEU D 159 -10.18 21.83 4.13
C LEU D 159 -10.37 22.85 3.01
N LEU D 160 -11.55 23.45 2.92
CA LEU D 160 -11.83 24.48 1.92
C LEU D 160 -12.19 25.77 2.63
N ARG D 161 -11.67 26.88 2.13
CA ARG D 161 -12.05 28.19 2.63
C ARG D 161 -12.58 29.05 1.49
N LYS D 162 -13.06 30.23 1.83
CA LYS D 162 -13.52 31.13 0.80
C LYS D 162 -12.36 31.43 -0.14
N GLY D 163 -12.52 31.06 -1.41
CA GLY D 163 -11.51 31.27 -2.41
C GLY D 163 -10.72 30.04 -2.80
N THR D 164 -10.91 28.92 -2.12
CA THR D 164 -10.28 27.68 -2.56
C THR D 164 -10.80 27.25 -3.92
N VAL D 165 -9.88 26.99 -4.85
CA VAL D 165 -10.22 26.64 -6.22
C VAL D 165 -10.25 25.12 -6.39
N LEU D 166 -11.42 24.58 -6.74
CA LEU D 166 -11.51 23.22 -7.27
C LEU D 166 -11.48 23.29 -8.79
N LEU D 167 -10.53 22.57 -9.39
CA LEU D 167 -10.45 22.42 -10.84
C LEU D 167 -10.57 20.94 -11.14
N ALA D 168 -11.64 20.54 -11.81
CA ALA D 168 -11.90 19.14 -12.11
C ALA D 168 -11.67 18.91 -13.60
N ASP D 169 -10.86 17.90 -13.92
CA ASP D 169 -10.51 17.54 -15.29
C ASP D 169 -11.40 16.38 -15.73
N ASN D 170 -11.54 16.23 -17.06
CA ASN D 170 -12.26 15.09 -17.65
C ASN D 170 -13.69 14.97 -17.12
N VAL D 171 -14.37 16.12 -16.97
CA VAL D 171 -15.75 16.10 -16.49
C VAL D 171 -16.76 15.82 -17.58
N ILE D 172 -16.33 15.73 -18.84
CA ILE D 172 -17.20 15.35 -19.94
C ILE D 172 -16.87 13.96 -20.48
N VAL D 173 -15.58 13.67 -20.65
CA VAL D 173 -15.11 12.34 -20.99
C VAL D 173 -14.16 11.88 -19.88
N PRO D 174 -14.53 10.87 -19.08
CA PRO D 174 -15.73 10.05 -19.24
C PRO D 174 -17.04 10.70 -18.76
N GLY D 175 -16.99 11.80 -18.03
CA GLY D 175 -18.23 12.43 -17.61
C GLY D 175 -18.39 12.26 -16.11
N THR D 176 -18.87 13.32 -15.47
CA THR D 176 -18.86 13.39 -14.00
C THR D 176 -20.11 14.18 -13.58
N PRO D 177 -21.28 13.84 -14.13
CA PRO D 177 -22.44 14.75 -14.03
C PRO D 177 -22.89 15.00 -12.60
N ASP D 178 -22.81 13.99 -11.73
CA ASP D 178 -23.22 14.20 -10.34
C ASP D 178 -22.40 15.29 -9.67
N PHE D 179 -21.07 15.27 -9.88
CA PHE D 179 -20.24 16.33 -9.30
C PHE D 179 -20.57 17.67 -9.92
N LEU D 180 -20.76 17.73 -11.24
CA LEU D 180 -21.08 18.99 -11.91
C LEU D 180 -22.40 19.57 -11.41
N ALA D 181 -23.43 18.74 -11.30
CA ALA D 181 -24.74 19.24 -10.88
C ALA D 181 -24.69 19.71 -9.43
N TYR D 182 -23.83 19.12 -8.61
CA TYR D 182 -23.75 19.58 -7.23
C TYR D 182 -23.10 20.96 -7.15
N VAL D 183 -21.87 21.09 -7.67
CA VAL D 183 -21.18 22.37 -7.48
C VAL D 183 -21.90 23.48 -8.21
N ARG D 184 -22.47 23.20 -9.40
CA ARG D 184 -23.26 24.20 -10.13
C ARG D 184 -24.54 24.57 -9.39
N GLY D 185 -25.20 23.59 -8.77
CA GLY D 185 -26.44 23.93 -8.06
C GLY D 185 -26.27 24.50 -6.66
N SER D 186 -25.09 24.40 -6.06
CA SER D 186 -24.87 24.78 -4.66
C SER D 186 -24.39 26.22 -4.54
N SER D 187 -24.90 26.92 -3.54
CA SER D 187 -24.47 28.27 -3.23
C SER D 187 -23.07 28.33 -2.62
N SER D 188 -22.48 27.19 -2.28
CA SER D 188 -21.11 27.14 -1.79
C SER D 188 -20.05 27.20 -2.90
N PHE D 189 -20.45 27.24 -4.17
CA PHE D 189 -19.50 27.15 -5.28
C PHE D 189 -19.90 28.09 -6.40
N GLU D 190 -18.90 28.72 -7.01
CA GLU D 190 -19.06 29.50 -8.24
C GLU D 190 -18.32 28.79 -9.37
N CYS D 191 -19.03 28.50 -10.45
CA CYS D 191 -18.58 27.50 -11.42
C CYS D 191 -18.40 28.07 -12.82
N THR D 192 -17.37 27.60 -13.49
CA THR D 192 -17.02 28.00 -14.84
C THR D 192 -16.69 26.72 -15.60
N HIS D 193 -17.28 26.55 -16.78
CA HIS D 193 -16.94 25.37 -17.57
C HIS D 193 -15.94 25.74 -18.64
N TYR D 194 -14.91 24.92 -18.80
CA TYR D 194 -13.91 25.15 -19.84
C TYR D 194 -13.98 24.01 -20.84
N SER D 195 -14.52 24.27 -22.02
CA SER D 195 -14.49 23.28 -23.08
C SER D 195 -13.08 23.10 -23.60
N SER D 196 -12.76 21.89 -24.04
CA SER D 196 -11.39 21.58 -24.42
C SER D 196 -11.39 20.40 -25.39
N TYR D 197 -10.84 20.61 -26.59
CA TYR D 197 -10.73 19.55 -27.57
C TYR D 197 -9.75 18.47 -27.11
N LEU D 198 -10.05 17.24 -27.52
CA LEU D 198 -9.17 16.09 -27.31
C LEU D 198 -8.35 15.89 -28.58
N GLU D 199 -7.07 16.22 -28.53
CA GLU D 199 -6.25 16.15 -29.73
C GLU D 199 -5.99 14.70 -30.14
N TYR D 200 -5.81 13.83 -29.16
CA TYR D 200 -5.26 12.49 -29.40
C TYR D 200 -6.29 11.49 -29.91
N MET D 201 -7.54 11.61 -29.50
CA MET D 201 -8.55 10.62 -29.89
C MET D 201 -9.16 10.99 -31.24
N LYS D 202 -9.22 10.00 -32.14
CA LYS D 202 -10.00 10.10 -33.38
C LYS D 202 -11.18 9.16 -33.30
N VAL D 203 -12.37 9.63 -33.66
CA VAL D 203 -13.57 8.79 -33.54
C VAL D 203 -13.61 7.77 -34.66
N VAL D 204 -13.85 6.52 -34.29
CA VAL D 204 -13.97 5.41 -35.22
C VAL D 204 -15.44 5.17 -35.54
N ASP D 205 -15.75 5.04 -36.83
CA ASP D 205 -17.02 4.57 -37.34
C ASP D 205 -16.75 3.28 -38.13
N GLY D 206 -17.75 2.87 -38.90
CA GLY D 206 -17.60 1.68 -39.70
C GLY D 206 -18.78 1.50 -40.62
N LEU D 207 -18.53 0.75 -41.69
CA LEU D 207 -19.56 0.23 -42.57
C LEU D 207 -19.55 -1.28 -42.45
N GLU D 208 -20.71 -1.90 -42.65
CA GLU D 208 -20.82 -3.34 -42.72
C GLU D 208 -21.23 -3.73 -44.13
N LYS D 209 -20.60 -4.78 -44.66
CA LYS D 209 -20.97 -5.37 -45.93
C LYS D 209 -21.55 -6.74 -45.65
N ALA D 210 -22.74 -6.98 -46.17
CA ALA D 210 -23.48 -8.21 -45.90
C ALA D 210 -24.00 -8.73 -47.23
N ILE D 211 -23.57 -9.93 -47.59
CA ILE D 211 -23.90 -10.52 -48.87
C ILE D 211 -24.94 -11.60 -48.65
N TYR D 212 -26.12 -11.37 -49.23
CA TYR D 212 -27.18 -12.37 -49.18
C TYR D 212 -26.75 -13.68 -49.84
N GLN D 213 -27.08 -14.80 -49.19
CA GLN D 213 -26.70 -16.14 -49.65
C GLN D 213 -27.83 -16.89 -50.35
N GLY D 214 -29.03 -16.33 -50.40
CA GLY D 214 -30.15 -17.01 -51.00
C GLY D 214 -30.71 -18.09 -50.09
N PRO D 215 -31.80 -18.75 -50.55
CA PRO D 215 -32.30 -19.95 -49.85
C PRO D 215 -31.82 -21.27 -50.43
N SER D 216 -30.92 -21.95 -49.72
CA SER D 216 -30.35 -23.22 -50.19
C SER D 216 -31.04 -24.43 -49.56
NA NA E . -29.21 -29.79 -6.34
N1 72N F . -28.00 -35.37 -16.33
N3 72N F . -28.41 -35.40 -14.13
C5 72N F . -26.78 -35.31 -15.59
C6 72N F . -25.42 -35.24 -16.18
C7 72N F . -30.45 -35.49 -15.64
C8 72N F . -28.18 -35.42 -17.72
C10 72N F . -27.89 -34.46 -19.95
C13 72N F . -28.86 -36.53 -18.31
C15 72N F . -31.44 -35.02 -14.59
C11 72N F . -28.58 -35.55 -20.51
C12 72N F . -29.07 -36.58 -19.69
C14 72N F . -31.28 -36.49 -14.86
C2 72N F . -29.01 -35.41 -15.35
C9 72N F . -27.68 -34.40 -18.56
N4 72N F . -27.10 -35.34 -14.26
NA NA G . 21.49 -28.23 9.16
N1 72N H . 9.74 -12.37 -11.29
N3 72N H . 8.81 -12.07 -13.31
C5 72N H . 9.37 -11.01 -11.48
C6 72N H . 9.55 -9.90 -10.51
C7 72N H . 9.55 -14.44 -12.75
C8 72N H . 10.32 -12.98 -10.15
C10 72N H . 12.20 -13.30 -8.66
C13 72N H . 9.55 -13.87 -9.36
C15 72N H . 9.94 -14.83 -14.16
C11 72N H . 11.45 -14.19 -7.88
C12 72N H . 10.12 -14.47 -8.22
C14 72N H . 8.59 -15.18 -13.63
C2 72N H . 9.37 -13.01 -12.49
C9 72N H . 11.65 -12.71 -9.79
N4 72N H . 8.81 -10.89 -12.71
CL CL I . 19.15 -1.94 1.28
NA NA J . -14.93 4.16 39.20
N1 72N K . -10.40 13.12 45.03
N3 72N K . -12.13 11.81 44.44
C5 72N K . -10.87 13.49 43.75
C6 72N K . -10.31 14.57 42.90
C7 72N K . -11.12 11.34 46.69
C8 72N K . -9.35 13.69 45.75
C10 72N K . -6.98 14.03 46.10
C13 72N K . -9.62 14.48 46.90
C15 72N K . -12.05 10.16 46.85
C11 72N K . -7.24 14.82 47.22
C12 72N K . -8.55 15.04 47.62
C14 72N K . -12.31 11.42 47.62
C2 72N K . -11.22 12.04 45.43
C9 72N K . -8.02 13.47 45.36
N4 72N K . -11.92 12.66 43.45
N1 72N L . -2.72 -1.87 44.38
N3 72N L . -3.95 -0.02 44.15
C5 72N L . -1.95 -0.77 44.75
C6 72N L . -0.55 -0.81 45.23
C7 72N L . -5.07 -2.26 43.56
C8 72N L . -2.40 -3.24 44.38
C10 72N L . -0.88 -5.06 43.95
C13 72N L . -3.39 -4.17 44.80
C15 72N L . -6.34 -1.72 42.95
C11 72N L . -1.86 -5.96 44.39
C12 72N L . -3.11 -5.53 44.81
C14 72N L . -6.34 -2.22 44.35
C2 72N L . -3.98 -1.37 44.00
C9 72N L . -1.14 -3.69 43.93
N4 72N L . -2.75 0.33 44.60
K K M . -23.13 27.24 -7.92
N1 72N N . 2.12 19.58 2.99
N3 72N N . 3.80 19.86 4.46
C5 72N N . 3.06 18.55 2.86
C6 72N N . 2.97 17.42 1.89
C7 72N N . 2.04 21.65 4.57
C8 72N N . 0.94 19.71 2.23
C10 72N N . -0.12 20.24 0.10
C13 72N N . -0.33 19.43 2.79
C15 72N N . 2.88 22.91 4.53
C11 72N N . -1.37 19.97 0.66
C12 72N N . -1.46 19.57 2.00
C14 72N N . 2.58 22.25 5.85
C2 72N N . 2.62 20.41 4.04
C9 72N N . 1.03 20.11 0.87
N4 72N N . 4.05 18.77 3.77
#